data_4YV9
#
_entry.id   4YV9
#
_cell.length_a   68.388
_cell.length_b   99.427
_cell.length_c   99.882
_cell.angle_alpha   90.00
_cell.angle_beta   97.00
_cell.angle_gamma   90.00
#
_symmetry.space_group_name_H-M   'P 1 21 1'
#
loop_
_entity.id
_entity.type
_entity.pdbx_description
1 polymer 'Transcriptional regulator'
2 polymer 'Cyclosporin A'
3 non-polymer 'SULFATE ION'
4 water water
#
loop_
_entity_poly.entity_id
_entity_poly.type
_entity_poly.pdbx_seq_one_letter_code
_entity_poly.pdbx_strand_id
1 'polypeptide(L)'
;(MSE)DKELGKTLRRLRQGKQVSISSLADEHLSKSQISRFERGESEISCSRLLNLLDKLNITIDEFVSTHSKTHTHFFTL
LSRVRKYYAEKNVAKLLKLLEDYAHKDYEST(MSE)IKAILSSIEPTVEPSEEEVTRLTDYLFSVEQWGYYEIILLGNCS
RFINYNTLFLLTKE(MSE)VTSFAYSEQNKTNKTLVTQLSINCLIISIDYSYFDHSHYLIEKIEFLLRDELNFYEKTVFL
YVHGYYKLKQGQVSGKDD(MSE)RQALQIFKYLGEDALYYSYKEHYRKEVLGDEEDEEEG
;
A,B,C,D
2 'polypeptide(L)' (DAL)(MLE)(MLE)(MVA)(BMT)(ABA)(SAR)(MLE)V(MLE)A E,F,G,H
#
loop_
_chem_comp.id
_chem_comp.type
_chem_comp.name
_chem_comp.formula
SO4 non-polymer 'SULFATE ION' 'O4 S -2'
#
# COMPACT_ATOMS: atom_id res chain seq x y z
N LEU A 5 11.26 30.54 23.63
CA LEU A 5 10.68 31.40 22.60
C LEU A 5 10.79 32.87 22.98
N GLY A 6 10.69 33.16 24.27
CA GLY A 6 10.78 34.52 24.76
C GLY A 6 12.13 35.11 24.42
N LYS A 7 13.15 34.26 24.44
CA LYS A 7 14.51 34.67 24.10
C LYS A 7 14.63 35.05 22.63
N THR A 8 14.17 34.19 21.73
CA THR A 8 14.32 34.43 20.30
C THR A 8 13.53 35.67 19.86
N LEU A 9 12.43 35.97 20.55
CA LEU A 9 11.65 37.16 20.25
C LEU A 9 12.42 38.43 20.52
N ARG A 10 13.09 38.45 21.67
CA ARG A 10 13.91 39.56 22.10
C ARG A 10 14.93 39.92 21.03
N ARG A 11 15.78 38.95 20.70
CA ARG A 11 16.82 39.12 19.68
C ARG A 11 16.30 39.70 18.36
N LEU A 12 15.21 39.15 17.86
CA LEU A 12 14.63 39.57 16.58
C LEU A 12 14.18 41.01 16.62
N ARG A 13 13.48 41.35 17.69
CA ARG A 13 13.04 42.70 17.91
C ARG A 13 14.24 43.61 17.97
N GLN A 14 15.31 43.20 18.64
CA GLN A 14 16.05 44.30 19.22
C GLN A 14 17.09 44.56 18.18
N GLY A 15 17.35 43.51 17.38
CA GLY A 15 18.25 43.62 16.25
C GLY A 15 17.64 44.40 15.10
N LYS A 16 16.41 44.86 15.27
CA LYS A 16 15.76 45.76 14.32
C LYS A 16 15.71 47.18 14.85
N GLN A 17 16.34 47.39 16.01
CA GLN A 17 16.29 48.65 16.72
C GLN A 17 14.85 49.07 17.00
N VAL A 18 14.01 48.08 17.30
CA VAL A 18 12.62 48.33 17.66
C VAL A 18 12.46 48.33 19.18
N SER A 19 11.84 49.37 19.71
CA SER A 19 11.59 49.44 21.15
C SER A 19 10.48 48.47 21.53
N ILE A 20 10.53 47.97 22.76
CA ILE A 20 9.44 47.17 23.31
C ILE A 20 8.16 48.00 23.27
N SER A 21 8.29 49.26 23.67
CA SER A 21 7.19 50.23 23.68
C SER A 21 6.31 50.20 22.44
N SER A 22 6.90 50.54 21.29
CA SER A 22 6.13 50.72 20.06
C SER A 22 5.56 49.43 19.47
N LEU A 23 5.75 48.31 20.17
CA LEU A 23 5.11 47.07 19.76
C LEU A 23 3.70 46.97 20.34
N LEU A 28 -0.98 42.94 23.99
CA LEU A 28 -0.02 42.94 25.08
C LEU A 28 0.36 44.36 25.49
N SER A 29 0.96 44.47 26.68
CA SER A 29 1.48 45.73 27.19
C SER A 29 2.99 45.75 27.09
N LYS A 30 3.62 46.88 27.41
CA LYS A 30 5.08 46.92 27.53
C LYS A 30 5.52 45.87 28.53
N SER A 31 4.73 45.73 29.59
CA SER A 31 5.08 44.86 30.70
C SER A 31 5.12 43.42 30.27
N GLN A 32 4.05 42.96 29.65
CA GLN A 32 3.92 41.56 29.23
C GLN A 32 4.82 41.20 28.07
N ILE A 33 4.95 42.13 27.12
CA ILE A 33 5.93 41.97 26.06
C ILE A 33 7.29 41.74 26.71
N SER A 34 7.74 42.71 27.50
CA SER A 34 8.97 42.56 28.28
C SER A 34 8.94 41.27 29.06
N ARG A 35 7.74 40.88 29.50
CA ARG A 35 7.66 39.79 30.45
C ARG A 35 7.75 38.44 29.73
N PHE A 36 7.27 38.39 28.48
CA PHE A 36 7.41 37.19 27.67
C PHE A 36 8.84 37.01 27.22
N GLU A 37 9.49 38.11 26.85
CA GLU A 37 10.86 38.09 26.36
C GLU A 37 11.82 37.47 27.38
N ARG A 38 11.64 37.83 28.65
CA ARG A 38 12.54 37.33 29.69
C ARG A 38 12.18 35.89 30.09
N GLY A 39 11.35 35.24 29.28
CA GLY A 39 10.99 33.86 29.50
C GLY A 39 10.29 33.58 30.81
N GLU A 40 9.53 34.57 31.27
CA GLU A 40 8.77 34.42 32.50
C GLU A 40 7.30 34.08 32.27
N SER A 41 6.70 34.69 31.26
CA SER A 41 5.30 34.46 30.98
C SER A 41 5.15 33.68 29.68
N GLU A 42 4.18 32.80 29.65
CA GLU A 42 3.86 32.10 28.42
C GLU A 42 2.81 32.93 27.68
N ILE A 43 2.99 33.10 26.38
CA ILE A 43 1.97 33.76 25.61
C ILE A 43 1.42 32.79 24.59
N SER A 44 0.18 33.05 24.15
CA SER A 44 -0.44 32.23 23.13
C SER A 44 0.29 32.37 21.79
N CYS A 45 0.11 31.40 20.90
CA CYS A 45 0.68 31.53 19.56
C CYS A 45 -0.01 32.66 18.82
N SER A 46 -1.28 32.87 19.16
CA SER A 46 -2.03 33.98 18.57
C SER A 46 -1.32 35.32 18.82
N ARG A 47 -0.93 35.57 20.06
CA ARG A 47 -0.28 36.81 20.43
C ARG A 47 1.16 36.87 19.92
N LEU A 48 1.84 35.72 19.90
CA LEU A 48 3.16 35.65 19.27
C LEU A 48 3.10 36.01 17.79
N LEU A 49 2.15 35.43 17.06
CA LEU A 49 2.03 35.74 15.64
C LEU A 49 1.74 37.22 15.43
N ASN A 50 0.89 37.76 16.30
CA ASN A 50 0.57 39.19 16.29
C ASN A 50 1.82 40.06 16.50
N LEU A 51 2.68 39.64 17.42
CA LEU A 51 3.94 40.34 17.67
C LEU A 51 4.87 40.26 16.46
N LEU A 52 5.03 39.07 15.90
CA LEU A 52 5.89 38.89 14.74
C LEU A 52 5.39 39.76 13.59
N ASP A 53 4.07 39.80 13.42
CA ASP A 53 3.43 40.62 12.39
C ASP A 53 3.76 42.10 12.58
N LYS A 54 3.71 42.56 13.84
CA LYS A 54 4.10 43.93 14.15
C LYS A 54 5.57 44.16 13.83
N LEU A 55 6.37 43.11 13.96
CA LEU A 55 7.79 43.19 13.69
C LEU A 55 8.12 42.98 12.22
N ASN A 56 7.09 42.67 11.42
CA ASN A 56 7.25 42.32 10.01
C ASN A 56 8.11 41.09 9.81
N ILE A 57 7.92 40.11 10.69
CA ILE A 57 8.60 38.82 10.60
C ILE A 57 7.56 37.71 10.41
N THR A 58 7.82 36.78 9.51
CA THR A 58 6.87 35.69 9.33
C THR A 58 7.20 34.61 10.33
N ILE A 59 6.24 33.74 10.54
CA ILE A 59 6.47 32.61 11.43
C ILE A 59 7.43 31.63 10.77
N ASP A 60 7.36 31.56 9.43
CA ASP A 60 8.30 30.75 8.66
C ASP A 60 9.72 31.21 8.97
N GLU A 61 9.90 32.51 8.89
CA GLU A 61 11.19 33.15 9.15
C GLU A 61 11.63 32.93 10.60
N PHE A 62 10.71 33.15 11.54
CA PHE A 62 10.95 32.94 12.97
C PHE A 62 11.47 31.54 13.31
N VAL A 63 10.84 30.52 12.73
CA VAL A 63 11.29 29.15 12.91
C VAL A 63 12.69 28.96 12.36
N SER A 64 12.91 29.49 11.16
CA SER A 64 14.20 29.40 10.50
C SER A 64 15.36 29.93 11.35
N THR A 65 15.12 31.01 12.10
CA THR A 65 16.16 31.59 12.96
C THR A 65 16.60 30.61 14.02
N THR A 71 12.91 20.82 17.84
CA THR A 71 12.42 20.23 16.61
C THR A 71 13.17 18.95 16.30
N HIS A 72 12.59 17.83 16.73
CA HIS A 72 13.19 16.50 16.64
C HIS A 72 13.60 16.14 15.22
N PHE A 73 12.68 16.33 14.26
CA PHE A 73 12.96 15.90 12.92
C PHE A 73 14.06 16.75 12.27
N PHE A 74 14.00 18.06 12.48
CA PHE A 74 15.03 18.97 11.93
C PHE A 74 16.40 18.62 12.52
N THR A 75 16.42 18.27 13.80
CA THR A 75 17.67 17.93 14.45
C THR A 75 18.26 16.67 13.81
N LEU A 76 17.42 15.68 13.58
CA LEU A 76 17.86 14.46 12.92
C LEU A 76 18.44 14.78 11.53
N LEU A 77 17.70 15.57 10.76
CA LEU A 77 18.11 15.90 9.39
C LEU A 77 19.43 16.64 9.37
N SER A 78 19.61 17.55 10.32
CA SER A 78 20.86 18.29 10.40
C SER A 78 22.05 17.36 10.68
N ARG A 79 21.88 16.39 11.58
CA ARG A 79 22.94 15.42 11.86
CA ARG A 79 22.94 15.44 11.86
C ARG A 79 23.21 14.54 10.64
N VAL A 80 22.15 14.09 9.99
CA VAL A 80 22.29 13.25 8.79
C VAL A 80 23.07 14.01 7.72
N ARG A 81 22.69 15.26 7.51
CA ARG A 81 23.35 16.07 6.51
C ARG A 81 24.85 16.21 6.79
N LYS A 82 25.18 16.48 8.05
CA LYS A 82 26.57 16.66 8.43
C LYS A 82 27.39 15.41 8.10
N TYR A 83 26.92 14.24 8.55
CA TYR A 83 27.67 12.99 8.40
C TYR A 83 27.69 12.51 6.95
N TYR A 84 26.58 12.66 6.25
CA TYR A 84 26.50 12.24 4.86
C TYR A 84 27.44 13.06 3.99
N ALA A 85 27.46 14.38 4.20
CA ALA A 85 28.37 15.24 3.44
C ALA A 85 29.82 14.79 3.60
N GLU A 86 30.15 14.33 4.80
CA GLU A 86 31.48 13.78 5.11
C GLU A 86 31.65 12.35 4.60
N LYS A 87 30.55 11.75 4.11
CA LYS A 87 30.53 10.32 3.78
C LYS A 87 31.10 9.50 4.94
N ASN A 88 30.67 9.80 6.17
CA ASN A 88 31.26 9.16 7.33
C ASN A 88 30.39 8.00 7.81
N VAL A 89 30.71 6.79 7.37
CA VAL A 89 29.87 5.61 7.63
C VAL A 89 29.76 5.25 9.13
N ALA A 90 30.89 5.26 9.85
CA ALA A 90 30.88 4.99 11.28
C ALA A 90 29.94 5.97 12.03
N LYS A 91 30.02 7.26 11.68
CA LYS A 91 29.20 8.24 12.36
C LYS A 91 27.71 8.07 12.04
N LEU A 92 27.42 7.66 10.82
CA LEU A 92 26.04 7.42 10.44
C LEU A 92 25.53 6.14 11.10
N LEU A 93 26.43 5.19 11.33
CA LEU A 93 26.02 3.97 12.04
C LEU A 93 25.70 4.28 13.51
N LYS A 94 26.47 5.19 14.10
CA LYS A 94 26.23 5.62 15.49
C LYS A 94 24.93 6.42 15.57
N LEU A 95 24.67 7.25 14.57
CA LEU A 95 23.40 7.97 14.48
C LEU A 95 22.24 6.98 14.37
N LEU A 96 22.41 5.96 13.53
CA LEU A 96 21.43 4.89 13.40
C LEU A 96 21.16 4.19 14.77
N GLU A 97 22.23 3.87 15.51
CA GLU A 97 22.10 3.35 16.86
C GLU A 97 21.23 4.29 17.73
N ASP A 98 21.58 5.56 17.71
CA ASP A 98 20.96 6.56 18.57
C ASP A 98 19.47 6.71 18.29
N TYR A 99 19.07 6.46 17.04
CA TYR A 99 17.66 6.58 16.65
C TYR A 99 16.96 5.23 16.43
N ALA A 100 17.61 4.13 16.84
CA ALA A 100 17.09 2.81 16.51
C ALA A 100 15.69 2.57 17.09
N HIS A 101 15.38 3.20 18.23
CA HIS A 101 14.07 3.06 18.85
C HIS A 101 12.99 3.93 18.20
N LYS A 102 13.37 4.76 17.24
CA LYS A 102 12.38 5.55 16.50
C LYS A 102 12.18 4.90 15.13
N ASP A 103 11.04 4.28 14.92
CA ASP A 103 10.91 3.39 13.76
C ASP A 103 11.06 4.06 12.39
N TYR A 104 10.25 5.08 12.06
CA TYR A 104 10.36 5.67 10.70
C TYR A 104 11.71 6.36 10.50
N GLU A 105 12.22 6.96 11.57
CA GLU A 105 13.46 7.72 11.48
C GLU A 105 14.64 6.80 11.21
N SER A 106 14.69 5.67 11.93
CA SER A 106 15.79 4.71 11.73
C SER A 106 15.68 4.03 10.36
N THR A 107 14.46 3.74 9.88
CA THR A 107 14.27 3.20 8.53
C THR A 107 14.86 4.19 7.50
N MSE A 108 14.53 5.46 7.66
CA MSE A 108 15.05 6.51 6.78
C MSE A 108 16.58 6.60 6.85
O MSE A 108 17.26 6.77 5.83
CB MSE A 108 14.46 7.87 7.15
CG MSE A 108 14.89 8.97 6.15
SE MSE A 108 14.44 10.77 6.81
CE MSE A 108 15.89 11.03 8.10
N ILE A 109 17.14 6.50 8.06
CA ILE A 109 18.59 6.54 8.18
C ILE A 109 19.24 5.37 7.43
N LYS A 110 18.72 4.16 7.60
CA LYS A 110 19.22 3.02 6.84
C LYS A 110 19.11 3.25 5.32
N ALA A 111 17.99 3.82 4.86
CA ALA A 111 17.83 4.08 3.43
C ALA A 111 18.91 5.02 2.90
N ILE A 112 19.18 6.07 3.66
CA ILE A 112 20.22 7.04 3.27
C ILE A 112 21.61 6.40 3.30
N LEU A 113 21.88 5.65 4.37
CA LEU A 113 23.16 4.99 4.56
C LEU A 113 23.47 4.05 3.41
N SER A 114 22.43 3.35 2.94
CA SER A 114 22.53 2.42 1.82
C SER A 114 23.28 2.98 0.62
N SER A 115 23.14 4.27 0.38
CA SER A 115 23.74 4.86 -0.82
C SER A 115 25.25 4.97 -0.68
N ILE A 116 25.78 4.93 0.53
CA ILE A 116 27.24 5.00 0.67
C ILE A 116 27.85 3.76 1.36
N GLU A 117 26.98 2.90 1.87
CA GLU A 117 27.40 1.62 2.42
C GLU A 117 26.32 0.61 2.07
N PRO A 118 26.50 -0.09 0.93
CA PRO A 118 25.44 -0.89 0.30
C PRO A 118 24.97 -2.05 1.16
N THR A 119 25.78 -2.44 2.12
CA THR A 119 25.43 -3.54 3.01
C THR A 119 24.31 -3.15 3.98
N VAL A 120 24.13 -1.84 4.20
CA VAL A 120 23.07 -1.33 5.06
C VAL A 120 21.82 -1.06 4.21
N GLU A 121 20.68 -1.66 4.58
CA GLU A 121 19.39 -1.45 3.90
C GLU A 121 18.24 -1.64 4.90
N PRO A 122 17.14 -0.90 4.72
CA PRO A 122 15.98 -1.20 5.57
C PRO A 122 15.38 -2.55 5.17
N SER A 123 14.80 -3.27 6.12
CA SER A 123 14.17 -4.56 5.85
C SER A 123 12.83 -4.34 5.17
N GLU A 124 12.30 -5.38 4.53
CA GLU A 124 10.98 -5.29 3.92
C GLU A 124 9.92 -4.89 4.95
N GLU A 125 10.06 -5.41 6.15
CA GLU A 125 9.05 -5.15 7.18
C GLU A 125 9.13 -3.72 7.69
N GLU A 126 10.34 -3.18 7.82
CA GLU A 126 10.52 -1.78 8.17
C GLU A 126 9.90 -0.86 7.11
N VAL A 127 10.17 -1.18 5.84
CA VAL A 127 9.62 -0.38 4.76
C VAL A 127 8.08 -0.45 4.78
N THR A 128 7.53 -1.63 5.01
CA THR A 128 6.07 -1.78 5.01
C THR A 128 5.41 -0.96 6.14
N ARG A 129 6.02 -0.95 7.33
CA ARG A 129 5.49 -0.12 8.42
C ARG A 129 5.48 1.34 8.03
N LEU A 130 6.54 1.79 7.35
CA LEU A 130 6.59 3.17 6.89
C LEU A 130 5.55 3.48 5.80
N THR A 131 5.39 2.57 4.82
CA THR A 131 4.42 2.86 3.75
C THR A 131 2.98 2.73 4.28
N ASP A 132 2.76 1.86 5.25
CA ASP A 132 1.45 1.81 5.94
C ASP A 132 1.16 3.17 6.59
N TYR A 133 2.18 3.76 7.21
CA TYR A 133 2.00 5.04 7.87
C TYR A 133 1.75 6.15 6.84
N LEU A 134 2.52 6.18 5.76
CA LEU A 134 2.36 7.20 4.72
C LEU A 134 0.98 7.10 4.07
N PHE A 135 0.55 5.86 3.84
CA PHE A 135 -0.75 5.64 3.26
C PHE A 135 -1.87 6.17 4.17
N SER A 136 -1.65 6.12 5.48
CA SER A 136 -2.68 6.48 6.47
C SER A 136 -2.85 7.99 6.67
N VAL A 137 -1.83 8.77 6.36
CA VAL A 137 -1.86 10.21 6.61
C VAL A 137 -2.83 10.93 5.68
N GLU A 138 -3.71 11.76 6.25
CA GLU A 138 -4.70 12.48 5.47
C GLU A 138 -4.11 13.69 4.76
N GLN A 139 -3.14 14.35 5.39
CA GLN A 139 -2.48 15.48 4.77
C GLN A 139 -0.98 15.40 4.93
N TRP A 140 -0.29 15.32 3.81
CA TRP A 140 1.15 15.23 3.79
C TRP A 140 1.81 16.56 4.14
N GLY A 141 2.81 16.50 5.02
CA GLY A 141 3.65 17.65 5.32
C GLY A 141 5.12 17.30 5.09
N TYR A 142 6.01 18.19 5.51
CA TYR A 142 7.45 18.01 5.30
C TYR A 142 7.94 16.62 5.74
N TYR A 143 7.55 16.21 6.95
CA TYR A 143 7.92 14.88 7.47
C TYR A 143 7.66 13.75 6.50
N GLU A 144 6.41 13.65 6.04
CA GLU A 144 6.02 12.56 5.14
C GLU A 144 6.74 12.64 3.81
N ILE A 145 6.88 13.86 3.30
CA ILE A 145 7.54 14.07 2.01
C ILE A 145 9.00 13.65 2.07
N ILE A 146 9.69 14.04 3.14
CA ILE A 146 11.10 13.73 3.25
C ILE A 146 11.27 12.21 3.47
N LEU A 147 10.41 11.58 4.26
CA LEU A 147 10.47 10.12 4.46
C LEU A 147 10.30 9.37 3.12
N LEU A 148 9.29 9.73 2.35
CA LEU A 148 9.05 9.09 1.07
C LEU A 148 10.24 9.26 0.16
N GLY A 149 10.71 10.50 0.04
CA GLY A 149 11.76 10.82 -0.88
C GLY A 149 13.02 10.04 -0.53
N ASN A 150 13.32 9.95 0.75
CA ASN A 150 14.54 9.25 1.11
C ASN A 150 14.43 7.74 1.10
N CYS A 151 13.22 7.20 1.20
CA CYS A 151 13.06 5.74 1.23
C CYS A 151 12.63 5.13 -0.10
N SER A 152 12.46 5.97 -1.12
CA SER A 152 11.89 5.53 -2.41
C SER A 152 12.59 4.38 -3.11
N ARG A 153 13.91 4.26 -3.02
CA ARG A 153 14.57 3.16 -3.70
C ARG A 153 14.25 1.79 -3.08
N PHE A 154 13.67 1.80 -1.88
CA PHE A 154 13.29 0.54 -1.23
C PHE A 154 11.79 0.26 -1.26
N ILE A 155 11.06 1.08 -2.00
CA ILE A 155 9.61 0.94 -2.14
C ILE A 155 9.29 0.47 -3.55
N ASN A 156 8.52 -0.61 -3.69
CA ASN A 156 8.23 -1.14 -5.02
C ASN A 156 7.43 -0.11 -5.81
N TYR A 157 7.51 -0.15 -7.14
CA TYR A 157 6.97 0.92 -7.95
C TYR A 157 5.46 1.13 -7.74
N ASN A 158 4.71 0.04 -7.62
CA ASN A 158 3.26 0.16 -7.53
C ASN A 158 2.85 0.92 -6.27
N THR A 159 3.50 0.59 -5.16
CA THR A 159 3.31 1.29 -3.90
C THR A 159 3.80 2.72 -4.02
N LEU A 160 4.93 2.90 -4.70
CA LEU A 160 5.48 4.24 -4.86
C LEU A 160 4.46 5.13 -5.60
N PHE A 161 3.85 4.59 -6.65
CA PHE A 161 2.91 5.42 -7.41
C PHE A 161 1.66 5.77 -6.57
N LEU A 162 1.14 4.78 -5.85
CA LEU A 162 -0.01 4.98 -4.98
C LEU A 162 0.28 6.07 -3.94
N LEU A 163 1.45 6.03 -3.33
CA LEU A 163 1.78 7.03 -2.30
C LEU A 163 2.02 8.40 -2.91
N THR A 164 2.63 8.41 -4.10
CA THR A 164 2.90 9.66 -4.82
C THR A 164 1.59 10.35 -5.15
N LYS A 165 0.60 9.55 -5.56
CA LYS A 165 -0.71 10.08 -5.87
C LYS A 165 -1.36 10.64 -4.60
N GLU A 166 -1.20 9.96 -3.48
CA GLU A 166 -1.77 10.48 -2.23
C GLU A 166 -1.10 11.81 -1.84
N MSE A 167 0.21 11.85 -2.00
CA MSE A 167 1.02 13.01 -1.63
C MSE A 167 0.64 14.22 -2.45
O MSE A 167 0.36 15.30 -1.92
CB MSE A 167 2.49 12.71 -1.84
CG MSE A 167 3.40 13.93 -1.66
SE MSE A 167 5.29 13.52 -2.04
CE MSE A 167 5.10 13.13 -3.94
N VAL A 168 0.63 14.04 -3.77
CA VAL A 168 0.30 15.12 -4.70
C VAL A 168 -1.07 15.74 -4.44
N THR A 169 -2.02 14.90 -4.05
CA THR A 169 -3.40 15.35 -3.91
C THR A 169 -3.74 15.85 -2.51
N SER A 170 -2.84 15.65 -1.56
CA SER A 170 -3.11 16.09 -0.20
C SER A 170 -1.86 16.55 0.53
N PHE A 171 -1.13 17.51 -0.03
CA PHE A 171 -0.03 18.13 0.69
C PHE A 171 -0.38 19.59 0.90
N ALA A 172 0.29 20.22 1.84
CA ALA A 172 0.08 21.63 2.09
C ALA A 172 1.39 22.39 1.91
N TYR A 173 1.25 23.66 1.57
CA TYR A 173 2.40 24.57 1.50
C TYR A 173 1.85 25.99 1.64
N SER A 174 2.73 26.97 1.91
CA SER A 174 2.33 28.38 1.91
C SER A 174 2.94 29.13 0.73
N GLU A 175 2.35 30.27 0.40
CA GLU A 175 2.90 31.12 -0.64
C GLU A 175 4.27 31.65 -0.23
N GLN A 176 4.45 31.90 1.06
CA GLN A 176 5.74 32.37 1.57
C GLN A 176 6.82 31.30 1.51
N ASN A 177 6.45 30.06 1.85
CA ASN A 177 7.40 28.96 1.86
C ASN A 177 6.95 27.84 0.94
N LYS A 178 7.51 27.78 -0.26
CA LYS A 178 7.09 26.79 -1.21
C LYS A 178 7.94 25.54 -1.14
N THR A 179 8.69 25.39 -0.04
CA THR A 179 9.53 24.21 0.13
C THR A 179 8.79 22.92 -0.16
N ASN A 180 7.64 22.70 0.47
CA ASN A 180 6.90 21.45 0.27
C ASN A 180 6.47 21.25 -1.18
N LYS A 181 5.97 22.31 -1.83
CA LYS A 181 5.53 22.22 -3.22
C LYS A 181 6.68 21.81 -4.14
N THR A 182 7.84 22.44 -3.95
CA THR A 182 9.01 22.12 -4.73
C THR A 182 9.44 20.65 -4.54
N LEU A 183 9.46 20.17 -3.30
CA LEU A 183 9.82 18.77 -3.05
C LEU A 183 8.80 17.83 -3.71
N VAL A 184 7.51 18.13 -3.55
CA VAL A 184 6.47 17.30 -4.16
C VAL A 184 6.65 17.24 -5.69
N THR A 185 7.05 18.36 -6.29
CA THR A 185 7.28 18.41 -7.75
C THR A 185 8.44 17.48 -8.11
N GLN A 186 9.55 17.59 -7.39
CA GLN A 186 10.71 16.72 -7.61
C GLN A 186 10.37 15.25 -7.43
N LEU A 187 9.65 14.91 -6.38
CA LEU A 187 9.28 13.50 -6.17
C LEU A 187 8.27 13.00 -7.23
N SER A 188 7.40 13.88 -7.72
CA SER A 188 6.44 13.48 -8.75
C SER A 188 7.20 13.15 -10.04
N ILE A 189 8.18 13.99 -10.36
CA ILE A 189 9.01 13.75 -11.54
C ILE A 189 9.82 12.45 -11.37
N ASN A 190 10.35 12.24 -10.16
CA ASN A 190 11.06 11.00 -9.85
C ASN A 190 10.19 9.80 -10.14
N CYS A 191 8.92 9.87 -9.74
CA CYS A 191 7.99 8.77 -9.94
C CYS A 191 7.72 8.60 -11.42
N LEU A 192 7.56 9.72 -12.11
CA LEU A 192 7.25 9.74 -13.53
C LEU A 192 8.31 9.01 -14.36
N ILE A 193 9.58 9.24 -14.08
CA ILE A 193 10.61 8.59 -14.88
C ILE A 193 10.54 7.06 -14.69
N ILE A 194 10.18 6.58 -13.49
CA ILE A 194 10.02 5.14 -13.31
C ILE A 194 8.75 4.62 -14.01
N SER A 195 7.67 5.41 -13.93
CA SER A 195 6.44 5.02 -14.65
C SER A 195 6.72 4.80 -16.15
N ILE A 196 7.58 5.65 -16.72
CA ILE A 196 7.91 5.56 -18.14
C ILE A 196 8.85 4.38 -18.40
N ASP A 197 9.76 4.13 -17.46
CA ASP A 197 10.63 2.95 -17.54
C ASP A 197 9.78 1.70 -17.63
N TYR A 198 8.74 1.65 -16.81
CA TYR A 198 7.90 0.45 -16.68
C TYR A 198 6.66 0.48 -17.57
N SER A 199 6.57 1.49 -18.41
CA SER A 199 5.45 1.63 -19.37
C SER A 199 4.06 1.62 -18.74
N TYR A 200 3.94 2.27 -17.58
CA TYR A 200 2.64 2.63 -17.02
C TYR A 200 2.25 4.00 -17.61
N PHE A 201 1.68 4.02 -18.80
CA PHE A 201 1.53 5.31 -19.46
C PHE A 201 0.30 6.06 -18.93
N ASP A 202 -0.68 5.32 -18.42
CA ASP A 202 -1.77 5.98 -17.70
C ASP A 202 -1.23 6.70 -16.47
N HIS A 203 -0.38 6.01 -15.70
CA HIS A 203 0.32 6.65 -14.58
C HIS A 203 1.11 7.87 -15.06
N SER A 204 1.85 7.70 -16.15
CA SER A 204 2.68 8.77 -16.69
C SER A 204 1.85 10.00 -17.08
N HIS A 205 0.71 9.75 -17.71
CA HIS A 205 -0.20 10.79 -18.16
C HIS A 205 -0.73 11.59 -16.97
N TYR A 206 -1.06 10.86 -15.90
CA TYR A 206 -1.53 11.46 -14.67
C TYR A 206 -0.45 12.37 -14.07
N LEU A 207 0.76 11.86 -13.96
CA LEU A 207 1.82 12.60 -13.31
C LEU A 207 2.24 13.84 -14.12
N ILE A 208 2.26 13.69 -15.43
CA ILE A 208 2.54 14.84 -16.31
C ILE A 208 1.59 16.01 -16.11
N GLU A 209 0.30 15.73 -16.00
CA GLU A 209 -0.67 16.78 -15.74
C GLU A 209 -0.43 17.39 -14.35
N LYS A 210 -0.19 16.54 -13.35
CA LYS A 210 0.09 17.07 -12.01
C LYS A 210 1.33 17.95 -12.00
N ILE A 211 2.42 17.51 -12.64
CA ILE A 211 3.66 18.29 -12.67
C ILE A 211 3.52 19.63 -13.41
N GLU A 212 2.83 19.61 -14.56
CA GLU A 212 2.62 20.83 -15.32
C GLU A 212 1.86 21.85 -14.45
N PHE A 213 0.88 21.37 -13.70
CA PHE A 213 0.11 22.23 -12.79
C PHE A 213 1.03 22.79 -11.69
N LEU A 214 1.89 21.95 -11.12
CA LEU A 214 2.82 22.38 -10.06
C LEU A 214 3.85 23.42 -10.55
N LEU A 215 4.27 23.28 -11.81
CA LEU A 215 5.26 24.19 -12.37
C LEU A 215 4.68 25.55 -12.82
N ARG A 216 3.36 25.63 -13.01
CA ARG A 216 2.71 26.83 -13.56
C ARG A 216 2.97 28.07 -12.68
N ASP A 217 3.36 29.18 -13.31
CA ASP A 217 3.67 30.43 -12.59
C ASP A 217 4.76 30.31 -11.51
N GLU A 218 5.68 29.36 -11.67
CA GLU A 218 6.86 29.27 -10.82
C GLU A 218 8.13 29.44 -11.66
N LEU A 219 9.25 29.73 -11.01
CA LEU A 219 10.53 29.68 -11.71
C LEU A 219 10.92 28.21 -11.80
N ASN A 220 11.49 27.68 -10.73
CA ASN A 220 11.76 26.25 -10.62
C ASN A 220 12.48 25.69 -11.83
N PHE A 221 13.55 26.33 -12.23
CA PHE A 221 14.26 25.93 -13.44
C PHE A 221 14.83 24.52 -13.34
N TYR A 222 15.24 24.08 -12.14
CA TYR A 222 15.81 22.76 -12.01
C TYR A 222 14.79 21.71 -12.39
N GLU A 223 13.61 21.82 -11.76
CA GLU A 223 12.51 20.91 -12.01
C GLU A 223 12.08 20.96 -13.48
N LYS A 224 12.07 22.15 -14.08
CA LYS A 224 11.73 22.28 -15.49
C LYS A 224 12.76 21.59 -16.40
N THR A 225 14.02 21.58 -15.98
CA THR A 225 15.09 20.98 -16.77
C THR A 225 14.97 19.45 -16.70
N VAL A 226 14.79 18.91 -15.49
CA VAL A 226 14.59 17.47 -15.36
C VAL A 226 13.28 17.04 -16.02
N PHE A 227 12.24 17.87 -15.89
CA PHE A 227 10.97 17.59 -16.56
C PHE A 227 11.11 17.60 -18.08
N LEU A 228 11.93 18.51 -18.63
CA LEU A 228 12.15 18.55 -20.07
C LEU A 228 12.74 17.22 -20.52
N TYR A 229 13.70 16.73 -19.76
CA TYR A 229 14.31 15.44 -20.07
C TYR A 229 13.29 14.30 -19.96
N VAL A 230 12.58 14.23 -18.84
CA VAL A 230 11.73 13.09 -18.52
C VAL A 230 10.47 13.09 -19.37
N HIS A 231 9.88 14.25 -19.59
CA HIS A 231 8.76 14.34 -20.54
C HIS A 231 9.24 13.99 -21.97
N GLY A 232 10.49 14.31 -22.28
CA GLY A 232 11.04 13.98 -23.57
C GLY A 232 11.12 12.47 -23.72
N TYR A 233 11.60 11.82 -22.66
CA TYR A 233 11.59 10.37 -22.52
C TYR A 233 10.21 9.78 -22.77
N TYR A 234 9.19 10.31 -22.10
CA TYR A 234 7.80 9.95 -22.38
C TYR A 234 7.49 10.03 -23.87
N LYS A 235 7.75 11.19 -24.45
CA LYS A 235 7.45 11.41 -25.85
C LYS A 235 8.14 10.38 -26.73
N LEU A 236 9.39 10.07 -26.43
CA LEU A 236 10.11 9.07 -27.21
C LEU A 236 9.41 7.71 -27.11
N LYS A 237 8.93 7.35 -25.92
CA LYS A 237 8.25 6.06 -25.77
C LYS A 237 6.83 6.07 -26.35
N GLN A 238 6.26 7.26 -26.58
CA GLN A 238 4.96 7.34 -27.24
C GLN A 238 5.11 7.47 -28.76
N GLY A 239 6.36 7.52 -29.21
CA GLY A 239 6.65 7.48 -30.63
C GLY A 239 6.96 8.83 -31.27
N GLN A 240 7.23 9.83 -30.43
CA GLN A 240 7.65 11.14 -30.92
C GLN A 240 9.15 11.24 -30.90
N VAL A 241 9.76 11.39 -32.07
CA VAL A 241 11.22 11.37 -32.13
C VAL A 241 11.80 12.65 -31.55
N SER A 242 11.00 13.71 -31.52
CA SER A 242 11.45 14.99 -30.97
C SER A 242 11.79 14.92 -29.48
N GLY A 243 11.33 13.87 -28.80
CA GLY A 243 11.66 13.63 -27.40
C GLY A 243 13.16 13.53 -27.20
N LYS A 244 13.86 12.94 -28.17
CA LYS A 244 15.32 12.87 -28.16
C LYS A 244 15.94 14.25 -28.11
N ASP A 245 15.38 15.16 -28.90
CA ASP A 245 15.82 16.54 -28.90
C ASP A 245 15.66 17.15 -27.52
N ASP A 246 14.52 16.91 -26.89
CA ASP A 246 14.24 17.45 -25.56
C ASP A 246 15.26 16.93 -24.56
N MSE A 247 15.50 15.62 -24.60
CA MSE A 247 16.44 15.00 -23.66
C MSE A 247 17.85 15.53 -23.87
O MSE A 247 18.54 15.85 -22.92
CB MSE A 247 16.41 13.48 -23.83
CG MSE A 247 15.11 12.86 -23.40
SE MSE A 247 14.96 11.06 -24.09
CE MSE A 247 15.70 10.10 -22.56
N ARG A 248 18.26 15.69 -25.14
CA ARG A 248 19.60 16.19 -25.41
C ARG A 248 19.75 17.64 -24.98
N GLN A 249 18.67 18.42 -25.11
CA GLN A 249 18.69 19.80 -24.64
C GLN A 249 18.83 19.91 -23.11
N ALA A 250 18.11 19.06 -22.37
CA ALA A 250 18.25 19.05 -20.91
C ALA A 250 19.71 18.77 -20.53
N LEU A 251 20.34 17.85 -21.24
CA LEU A 251 21.74 17.53 -20.99
C LEU A 251 22.63 18.74 -21.23
N GLN A 252 22.32 19.49 -22.28
CA GLN A 252 23.10 20.68 -22.61
C GLN A 252 23.00 21.68 -21.48
N ILE A 253 21.79 21.85 -20.95
CA ILE A 253 21.56 22.73 -19.81
C ILE A 253 22.41 22.34 -18.58
N PHE A 254 22.39 21.06 -18.22
CA PHE A 254 23.27 20.59 -17.14
C PHE A 254 24.71 20.94 -17.47
N LYS A 255 25.11 20.73 -18.73
CA LYS A 255 26.51 20.95 -19.09
C LYS A 255 26.88 22.42 -18.95
N TYR A 256 26.04 23.30 -19.52
CA TYR A 256 26.30 24.73 -19.52
C TYR A 256 26.42 25.30 -18.10
N LEU A 257 25.61 24.77 -17.19
CA LEU A 257 25.60 25.27 -15.82
C LEU A 257 26.69 24.61 -14.96
N GLY A 258 27.50 23.76 -15.57
CA GLY A 258 28.54 23.05 -14.84
C GLY A 258 27.98 22.09 -13.79
N GLU A 259 26.80 21.52 -14.05
CA GLU A 259 26.19 20.59 -13.09
C GLU A 259 26.63 19.15 -13.39
N ASP A 260 27.86 18.84 -13.01
CA ASP A 260 28.51 17.57 -13.34
C ASP A 260 27.67 16.34 -13.02
N ALA A 261 27.23 16.21 -11.77
CA ALA A 261 26.50 15.02 -11.34
C ALA A 261 25.23 14.81 -12.17
N LEU A 262 24.46 15.87 -12.36
CA LEU A 262 23.23 15.75 -13.12
C LEU A 262 23.50 15.41 -14.58
N TYR A 263 24.48 16.09 -15.16
CA TYR A 263 24.88 15.82 -16.54
C TYR A 263 25.32 14.35 -16.73
N TYR A 264 26.25 13.86 -15.90
CA TYR A 264 26.79 12.51 -16.15
C TYR A 264 25.75 11.43 -15.84
N SER A 265 24.90 11.67 -14.85
CA SER A 265 23.81 10.76 -14.49
C SER A 265 22.74 10.66 -15.58
N TYR A 266 22.27 11.80 -16.06
CA TYR A 266 21.25 11.75 -17.11
C TYR A 266 21.84 11.30 -18.45
N LYS A 267 23.11 11.61 -18.68
CA LYS A 267 23.76 11.17 -19.91
C LYS A 267 23.84 9.65 -19.92
N GLU A 268 24.12 9.09 -18.75
CA GLU A 268 24.09 7.66 -18.52
C GLU A 268 22.72 7.07 -18.83
N HIS A 269 21.67 7.68 -18.28
CA HIS A 269 20.32 7.17 -18.50
C HIS A 269 19.96 7.24 -19.98
N TYR A 270 20.40 8.32 -20.62
CA TYR A 270 20.20 8.54 -22.05
C TYR A 270 20.87 7.46 -22.87
N ARG A 271 22.11 7.12 -22.50
CA ARG A 271 22.88 6.18 -23.33
C ARG A 271 22.24 4.80 -23.26
N LYS A 272 21.71 4.44 -22.09
CA LYS A 272 21.10 3.12 -21.95
C LYS A 272 19.72 3.05 -22.63
N GLU A 273 18.94 4.12 -22.52
CA GLU A 273 17.56 4.09 -23.00
C GLU A 273 17.42 4.51 -24.46
N VAL A 274 18.28 5.41 -24.91
CA VAL A 274 18.23 5.90 -26.29
C VAL A 274 19.23 5.18 -27.19
N LEU B 5 -7.40 27.61 16.50
CA LEU B 5 -6.20 26.81 16.30
C LEU B 5 -6.37 25.38 16.79
N GLY B 6 -7.16 25.20 17.85
CA GLY B 6 -7.36 23.87 18.42
C GLY B 6 -8.01 22.97 17.40
N LYS B 7 -8.91 23.56 16.65
CA LYS B 7 -9.54 22.87 15.53
C LYS B 7 -8.53 22.31 14.54
N THR B 8 -7.54 23.12 14.21
CA THR B 8 -6.54 22.72 13.23
C THR B 8 -5.63 21.64 13.83
N LEU B 9 -5.23 21.81 15.08
CA LEU B 9 -4.48 20.76 15.77
C LEU B 9 -5.21 19.42 15.74
N ARG B 10 -6.49 19.46 16.10
CA ARG B 10 -7.33 18.26 16.09
C ARG B 10 -7.32 17.59 14.72
N ARG B 11 -7.53 18.39 13.69
CA ARG B 11 -7.57 17.88 12.32
C ARG B 11 -6.24 17.24 11.92
N LEU B 12 -5.15 17.92 12.23
CA LEU B 12 -3.85 17.39 11.84
C LEU B 12 -3.50 16.12 12.62
N ARG B 13 -3.81 16.12 13.91
CA ARG B 13 -3.56 14.97 14.77
C ARG B 13 -4.38 13.74 14.38
N GLN B 14 -5.69 13.90 14.24
CA GLN B 14 -6.54 12.82 13.74
C GLN B 14 -6.09 12.40 12.34
N GLY B 15 -5.67 13.37 11.55
CA GLY B 15 -5.21 13.09 10.20
C GLY B 15 -3.99 12.18 10.15
N LYS B 16 -3.23 12.17 11.25
CA LYS B 16 -2.07 11.28 11.37
C LYS B 16 -2.38 10.03 12.20
N GLN B 17 -3.66 9.84 12.51
CA GLN B 17 -4.13 8.70 13.30
C GLN B 17 -3.47 8.65 14.69
N VAL B 18 -3.14 9.81 15.25
CA VAL B 18 -2.44 9.93 16.54
C VAL B 18 -3.44 10.20 17.70
N SER B 19 -3.29 9.48 18.82
CA SER B 19 -4.21 9.68 19.95
C SER B 19 -3.86 10.90 20.77
N ILE B 20 -4.84 11.47 21.44
CA ILE B 20 -4.55 12.51 22.43
C ILE B 20 -3.64 11.96 23.55
N SER B 21 -3.92 10.75 24.00
CA SER B 21 -3.13 10.12 25.05
C SER B 21 -1.62 10.12 24.74
N SER B 22 -1.26 9.82 23.50
CA SER B 22 0.16 9.71 23.11
C SER B 22 0.85 11.06 23.10
N LEU B 23 0.06 12.14 23.04
CA LEU B 23 0.60 13.48 23.06
C LEU B 23 0.76 14.07 24.46
N ALA B 24 0.01 13.53 25.40
CA ALA B 24 0.04 14.03 26.78
C ALA B 24 1.38 13.73 27.45
N ASP B 25 1.83 14.66 28.30
CA ASP B 25 3.00 14.44 29.12
C ASP B 25 2.91 15.32 30.35
N GLU B 26 4.03 15.54 31.04
CA GLU B 26 4.08 16.40 32.21
C GLU B 26 3.70 17.86 31.92
N HIS B 27 3.72 18.25 30.66
CA HIS B 27 3.46 19.65 30.30
C HIS B 27 1.98 19.90 30.00
N LEU B 28 1.32 18.92 29.39
CA LEU B 28 -0.10 19.04 29.05
C LEU B 28 -0.81 17.72 29.26
N SER B 29 -1.92 17.75 29.99
CA SER B 29 -2.72 16.55 30.21
C SER B 29 -3.60 16.23 28.99
N LYS B 30 -4.18 15.04 28.96
CA LYS B 30 -5.15 14.67 27.92
C LYS B 30 -6.29 15.69 27.89
N SER B 31 -6.77 16.02 29.09
CA SER B 31 -7.86 16.95 29.32
C SER B 31 -7.52 18.34 28.77
N GLN B 32 -6.30 18.79 29.00
CA GLN B 32 -5.90 20.11 28.55
C GLN B 32 -5.79 20.17 27.04
N ILE B 33 -5.36 19.07 26.45
CA ILE B 33 -5.30 18.94 25.01
C ILE B 33 -6.70 18.93 24.38
N SER B 34 -7.59 18.10 24.93
CA SER B 34 -8.98 18.08 24.46
C SER B 34 -9.65 19.43 24.59
N ARG B 35 -9.48 20.07 25.73
CA ARG B 35 -10.14 21.35 25.96
C ARG B 35 -9.59 22.38 24.95
N PHE B 36 -8.31 22.29 24.64
CA PHE B 36 -7.73 23.14 23.61
C PHE B 36 -8.30 22.87 22.21
N GLU B 37 -8.39 21.59 21.82
CA GLU B 37 -8.90 21.27 20.51
C GLU B 37 -10.35 21.73 20.34
N ARG B 38 -11.10 21.69 21.44
CA ARG B 38 -12.50 22.10 21.42
C ARG B 38 -12.68 23.62 21.58
N GLY B 39 -11.60 24.33 21.85
CA GLY B 39 -11.67 25.78 22.01
C GLY B 39 -12.21 26.26 23.35
N GLU B 40 -12.29 25.34 24.32
CA GLU B 40 -12.77 25.72 25.66
C GLU B 40 -11.65 26.36 26.46
N SER B 41 -10.42 25.94 26.18
CA SER B 41 -9.25 26.45 26.87
C SER B 41 -8.18 26.89 25.87
N GLU B 42 -7.38 27.87 26.25
CA GLU B 42 -6.18 28.16 25.46
C GLU B 42 -4.94 27.56 26.10
N ILE B 43 -3.95 27.24 25.28
CA ILE B 43 -2.66 26.75 25.77
C ILE B 43 -1.56 27.67 25.30
N SER B 44 -0.40 27.59 25.94
CA SER B 44 0.70 28.48 25.58
C SER B 44 1.27 28.05 24.24
N CYS B 45 1.92 28.99 23.56
CA CYS B 45 2.53 28.67 22.28
C CYS B 45 3.57 27.58 22.48
N SER B 46 4.37 27.72 23.53
CA SER B 46 5.40 26.75 23.86
C SER B 46 4.83 25.34 24.01
N ARG B 47 3.68 25.23 24.65
CA ARG B 47 3.09 23.91 24.84
C ARG B 47 2.50 23.40 23.51
N LEU B 48 1.99 24.32 22.69
CA LEU B 48 1.54 23.93 21.35
C LEU B 48 2.71 23.42 20.51
N LEU B 49 3.84 24.12 20.58
CA LEU B 49 5.03 23.70 19.83
C LEU B 49 5.50 22.29 20.21
N ASN B 50 5.40 21.97 21.49
CA ASN B 50 5.72 20.63 22.01
C ASN B 50 4.82 19.57 21.36
N LEU B 51 3.52 19.86 21.30
CA LEU B 51 2.55 18.97 20.65
C LEU B 51 2.88 18.77 19.18
N LEU B 52 3.12 19.88 18.49
CA LEU B 52 3.47 19.85 17.08
C LEU B 52 4.73 19.05 16.80
N ASP B 53 5.74 19.25 17.63
CA ASP B 53 6.99 18.51 17.48
C ASP B 53 6.74 17.00 17.59
N LYS B 54 5.88 16.60 18.51
CA LYS B 54 5.49 15.19 18.63
C LYS B 54 4.81 14.67 17.36
N LEU B 55 4.08 15.56 16.69
CA LEU B 55 3.46 15.24 15.40
C LEU B 55 4.39 15.49 14.20
N ASN B 56 5.63 15.89 14.46
CA ASN B 56 6.63 16.20 13.41
C ASN B 56 6.15 17.28 12.42
N ILE B 57 5.46 18.28 12.98
CA ILE B 57 5.00 19.46 12.26
C ILE B 57 5.63 20.65 12.94
N THR B 58 6.20 21.55 12.16
CA THR B 58 6.75 22.75 12.75
C THR B 58 5.67 23.85 12.68
N ILE B 59 5.75 24.82 13.59
CA ILE B 59 4.67 25.79 13.75
C ILE B 59 4.43 26.60 12.48
N ASP B 60 5.44 26.74 11.62
CA ASP B 60 5.20 27.49 10.37
C ASP B 60 4.35 26.69 9.39
N GLU B 61 4.55 25.38 9.38
CA GLU B 61 3.72 24.45 8.61
C GLU B 61 2.27 24.42 9.13
N PHE B 62 2.12 24.43 10.45
CA PHE B 62 0.80 24.45 11.11
C PHE B 62 0.01 25.70 10.75
N VAL B 63 0.68 26.85 10.78
CA VAL B 63 0.03 28.12 10.47
C VAL B 63 -0.53 28.17 9.04
N SER B 64 0.18 27.59 8.08
CA SER B 64 -0.29 27.71 6.69
C SER B 64 -1.50 26.81 6.44
N THR B 65 -1.65 25.73 7.20
CA THR B 65 -2.82 24.88 6.99
C THR B 65 -4.02 25.39 7.81
N HIS B 66 -3.74 26.19 8.84
CA HIS B 66 -4.78 26.75 9.70
C HIS B 66 -5.66 27.72 8.93
N SER B 67 -5.05 28.60 8.14
CA SER B 67 -5.80 29.55 7.32
C SER B 67 -4.93 30.22 6.27
N LYS B 68 -5.59 30.77 5.26
CA LYS B 68 -4.91 31.50 4.19
C LYS B 68 -4.55 32.93 4.62
N THR B 69 -4.62 33.22 5.92
CA THR B 69 -4.29 34.54 6.42
C THR B 69 -2.78 34.78 6.40
N HIS B 70 -2.39 36.00 6.07
CA HIS B 70 -0.98 36.36 6.04
C HIS B 70 -0.74 37.67 6.76
N THR B 71 0.54 37.97 6.97
CA THR B 71 0.97 39.16 7.69
C THR B 71 0.54 40.43 6.95
N HIS B 72 0.57 41.55 7.68
CA HIS B 72 0.35 42.87 7.07
C HIS B 72 1.25 43.08 5.84
N PHE B 73 2.52 42.71 5.97
CA PHE B 73 3.48 43.00 4.90
C PHE B 73 3.20 42.14 3.66
N PHE B 74 2.87 40.87 3.87
CA PHE B 74 2.57 39.99 2.76
C PHE B 74 1.24 40.40 2.11
N THR B 75 0.33 40.94 2.92
CA THR B 75 -0.94 41.44 2.42
C THR B 75 -0.69 42.66 1.54
N LEU B 76 0.19 43.53 2.01
CA LEU B 76 0.61 44.69 1.22
C LEU B 76 1.18 44.26 -0.11
N LEU B 77 2.14 43.33 -0.07
CA LEU B 77 2.78 42.84 -1.28
C LEU B 77 1.79 42.22 -2.27
N SER B 78 0.81 41.49 -1.76
CA SER B 78 -0.17 40.82 -2.60
C SER B 78 -1.04 41.82 -3.36
N ARG B 79 -1.50 42.86 -2.66
CA ARG B 79 -2.26 43.94 -3.28
C ARG B 79 -1.44 44.62 -4.38
N VAL B 80 -0.25 45.12 -4.01
CA VAL B 80 0.66 45.79 -4.93
C VAL B 80 0.94 44.93 -6.17
N ARG B 81 1.05 43.64 -5.93
CA ARG B 81 1.35 42.64 -6.94
C ARG B 81 0.40 42.64 -8.13
N LYS B 82 -0.87 42.51 -7.82
CA LYS B 82 -1.88 42.36 -8.85
C LYS B 82 -2.15 43.69 -9.55
N TYR B 83 -1.88 44.80 -8.87
CA TYR B 83 -2.04 46.12 -9.48
C TYR B 83 -0.92 46.41 -10.49
N TYR B 84 0.26 45.89 -10.19
CA TYR B 84 1.42 46.09 -11.06
C TYR B 84 1.28 45.28 -12.34
N ALA B 85 0.67 44.12 -12.21
CA ALA B 85 0.43 43.24 -13.35
C ALA B 85 -0.62 43.85 -14.28
N GLU B 86 -1.62 44.49 -13.67
CA GLU B 86 -2.74 45.06 -14.42
C GLU B 86 -2.53 46.52 -14.79
N LYS B 87 -1.37 47.07 -14.40
CA LYS B 87 -0.99 48.46 -14.70
C LYS B 87 -1.96 49.49 -14.10
N ASN B 88 -2.67 49.12 -13.04
CA ASN B 88 -3.65 50.05 -12.47
C ASN B 88 -2.98 51.10 -11.60
N VAL B 89 -2.75 52.27 -12.19
CA VAL B 89 -2.13 53.36 -11.47
C VAL B 89 -3.10 53.87 -10.43
N ALA B 90 -4.39 53.82 -10.78
CA ALA B 90 -5.43 54.43 -9.98
C ALA B 90 -5.47 53.92 -8.54
N LYS B 91 -5.53 52.61 -8.34
CA LYS B 91 -5.75 52.16 -6.98
C LYS B 91 -4.44 51.93 -6.25
N LEU B 92 -3.32 51.93 -6.97
CA LEU B 92 -2.01 52.00 -6.33
C LEU B 92 -1.87 53.37 -5.69
N LEU B 93 -2.52 54.35 -6.31
CA LEU B 93 -2.50 55.72 -5.82
C LEU B 93 -3.16 55.88 -4.44
N LYS B 94 -4.31 55.25 -4.21
CA LYS B 94 -4.90 55.36 -2.89
C LYS B 94 -4.50 54.20 -1.97
N LEU B 95 -3.89 53.17 -2.55
CA LEU B 95 -3.18 52.19 -1.73
C LEU B 95 -2.09 52.96 -1.00
N LEU B 96 -1.48 53.89 -1.72
CA LEU B 96 -0.47 54.79 -1.19
C LEU B 96 -1.02 55.76 -0.13
N GLU B 97 -2.25 56.22 -0.30
CA GLU B 97 -2.83 57.07 0.75
C GLU B 97 -3.17 56.22 1.97
N ASP B 98 -3.60 54.99 1.71
CA ASP B 98 -3.92 54.05 2.78
C ASP B 98 -2.73 53.74 3.68
N TYR B 99 -1.51 53.87 3.15
CA TYR B 99 -0.31 53.50 3.90
C TYR B 99 0.57 54.68 4.28
N ALA B 100 0.00 55.88 4.25
CA ALA B 100 0.78 57.10 4.47
C ALA B 100 1.42 57.15 5.85
N HIS B 101 0.82 56.48 6.83
CA HIS B 101 1.33 56.49 8.20
C HIS B 101 2.47 55.48 8.39
N LYS B 102 2.76 54.70 7.35
CA LYS B 102 3.81 53.69 7.40
C LYS B 102 4.97 54.11 6.49
N ASP B 103 6.05 54.65 7.07
CA ASP B 103 7.05 55.36 6.26
C ASP B 103 7.72 54.45 5.24
N TYR B 104 8.25 53.32 5.68
CA TYR B 104 9.00 52.46 4.76
C TYR B 104 8.08 51.83 3.72
N GLU B 105 6.89 51.44 4.13
CA GLU B 105 5.91 50.86 3.21
C GLU B 105 5.49 51.86 2.11
N SER B 106 5.18 53.08 2.49
CA SER B 106 4.71 54.02 1.48
C SER B 106 5.89 54.42 0.61
N THR B 107 7.08 54.54 1.20
CA THR B 107 8.28 54.81 0.41
C THR B 107 8.46 53.71 -0.64
N MSE B 108 8.23 52.46 -0.24
CA MSE B 108 8.26 51.34 -1.17
C MSE B 108 7.12 51.35 -2.22
O MSE B 108 7.33 50.96 -3.37
CB MSE B 108 8.20 50.02 -0.40
CG MSE B 108 8.15 48.84 -1.29
SE MSE B 108 7.93 47.12 -0.34
CE MSE B 108 7.27 46.17 -1.86
N ILE B 109 5.93 51.75 -1.81
CA ILE B 109 4.80 51.85 -2.73
C ILE B 109 5.06 52.90 -3.81
N LYS B 110 5.67 54.01 -3.40
CA LYS B 110 6.05 55.07 -4.33
C LYS B 110 7.10 54.58 -5.32
N ALA B 111 8.06 53.79 -4.83
CA ALA B 111 9.11 53.24 -5.69
C ALA B 111 8.50 52.34 -6.76
N ILE B 112 7.57 51.49 -6.34
CA ILE B 112 6.95 50.55 -7.26
C ILE B 112 6.06 51.29 -8.25
N LEU B 113 5.26 52.21 -7.70
CA LEU B 113 4.34 53.00 -8.50
C LEU B 113 5.06 53.84 -9.56
N SER B 114 6.29 54.25 -9.27
CA SER B 114 7.06 55.05 -10.22
C SER B 114 7.39 54.28 -11.50
N SER B 115 7.33 52.95 -11.42
CA SER B 115 7.62 52.10 -12.58
C SER B 115 6.48 52.03 -13.58
N ILE B 116 5.33 52.60 -13.22
CA ILE B 116 4.20 52.65 -14.14
C ILE B 116 3.60 54.05 -14.21
N GLU B 117 4.08 54.94 -13.33
CA GLU B 117 3.66 56.34 -13.34
C GLU B 117 4.76 57.18 -12.70
N PRO B 118 5.74 57.61 -13.52
CA PRO B 118 6.98 58.22 -13.04
C PRO B 118 6.77 59.54 -12.29
N THR B 119 5.61 60.17 -12.44
CA THR B 119 5.30 61.40 -11.71
C THR B 119 5.42 61.23 -10.17
N VAL B 120 5.16 60.02 -9.68
CA VAL B 120 5.38 59.73 -8.26
C VAL B 120 6.72 59.04 -8.01
N GLU B 121 7.58 59.65 -7.21
CA GLU B 121 8.84 59.01 -6.80
C GLU B 121 9.07 59.24 -5.31
N PRO B 122 9.74 58.29 -4.64
CA PRO B 122 10.08 58.60 -3.25
C PRO B 122 11.09 59.73 -3.24
N SER B 123 11.00 60.63 -2.26
CA SER B 123 11.97 61.72 -2.14
C SER B 123 13.32 61.17 -1.69
N GLU B 124 14.37 61.96 -1.94
CA GLU B 124 15.70 61.61 -1.44
C GLU B 124 15.68 61.43 0.07
N GLU B 125 14.92 62.28 0.77
CA GLU B 125 14.86 62.17 2.21
C GLU B 125 14.14 60.88 2.65
N GLU B 126 13.08 60.50 1.94
CA GLU B 126 12.37 59.24 2.24
C GLU B 126 13.29 58.04 2.07
N VAL B 127 14.01 58.03 0.95
CA VAL B 127 14.91 56.94 0.63
C VAL B 127 16.00 56.84 1.70
N THR B 128 16.52 58.00 2.08
CA THR B 128 17.56 58.07 3.10
C THR B 128 17.08 57.54 4.46
N ARG B 129 15.83 57.81 4.84
CA ARG B 129 15.31 57.24 6.08
C ARG B 129 15.28 55.72 5.97
N LEU B 130 14.95 55.22 4.79
CA LEU B 130 14.91 53.78 4.57
C LEU B 130 16.31 53.15 4.59
N THR B 131 17.27 53.77 3.91
CA THR B 131 18.61 53.19 3.88
C THR B 131 19.25 53.26 5.28
N ASP B 132 18.99 54.35 6.01
CA ASP B 132 19.43 54.45 7.40
C ASP B 132 18.85 53.32 8.25
N TYR B 133 17.54 53.05 8.11
CA TYR B 133 16.92 51.90 8.77
C TYR B 133 17.64 50.61 8.41
N LEU B 134 17.90 50.42 7.12
CA LEU B 134 18.48 49.18 6.61
C LEU B 134 19.91 48.97 7.12
N PHE B 135 20.67 50.06 7.20
CA PHE B 135 22.01 49.98 7.78
C PHE B 135 21.95 49.64 9.26
N SER B 136 20.85 50.02 9.92
CA SER B 136 20.72 49.87 11.37
C SER B 136 20.34 48.47 11.82
N VAL B 137 19.85 47.66 10.90
CA VAL B 137 19.39 46.29 11.20
C VAL B 137 20.58 45.30 11.37
N GLU B 138 20.49 44.36 12.31
CA GLU B 138 21.59 43.41 12.57
C GLU B 138 21.46 42.12 11.75
N GLN B 139 20.23 41.70 11.52
CA GLN B 139 19.87 40.60 10.64
C GLN B 139 18.74 40.95 9.69
N TRP B 140 19.04 40.77 8.41
CA TRP B 140 18.13 41.09 7.34
C TRP B 140 17.13 39.96 7.21
N GLY B 141 15.85 40.30 7.25
CA GLY B 141 14.79 39.32 7.07
C GLY B 141 14.11 39.61 5.75
N TYR B 142 13.03 38.87 5.48
CA TYR B 142 12.23 39.09 4.28
C TYR B 142 11.87 40.57 4.08
N TYR B 143 11.43 41.22 5.16
CA TYR B 143 11.05 42.65 5.14
C TYR B 143 12.14 43.54 4.55
N GLU B 144 13.33 43.47 5.13
CA GLU B 144 14.42 44.34 4.71
C GLU B 144 14.87 44.02 3.30
N ILE B 145 14.88 42.74 2.95
CA ILE B 145 15.28 42.29 1.63
C ILE B 145 14.30 42.80 0.57
N ILE B 146 13.01 42.68 0.84
CA ILE B 146 11.99 43.12 -0.12
C ILE B 146 11.98 44.66 -0.24
N LEU B 147 12.16 45.35 0.86
CA LEU B 147 12.27 46.80 0.83
C LEU B 147 13.43 47.22 -0.08
N LEU B 148 14.61 46.66 0.17
CA LEU B 148 15.79 46.99 -0.62
C LEU B 148 15.59 46.69 -2.09
N GLY B 149 15.07 45.50 -2.37
CA GLY B 149 14.87 45.06 -3.73
C GLY B 149 13.97 46.03 -4.49
N ASN B 150 12.88 46.46 -3.85
CA ASN B 150 11.91 47.28 -4.58
C ASN B 150 12.23 48.78 -4.58
N CYS B 151 13.17 49.21 -3.76
CA CYS B 151 13.55 50.62 -3.71
C CYS B 151 14.90 50.90 -4.37
N SER B 152 15.54 49.85 -4.90
CA SER B 152 16.92 49.95 -5.39
C SER B 152 17.14 51.01 -6.46
N ARG B 153 16.11 51.25 -7.27
CA ARG B 153 16.27 52.23 -8.35
C ARG B 153 16.44 53.65 -7.83
N PHE B 154 16.17 53.87 -6.55
CA PHE B 154 16.26 55.21 -6.00
C PHE B 154 17.38 55.37 -4.98
N ILE B 155 18.19 54.33 -4.83
CA ILE B 155 19.37 54.38 -3.96
C ILE B 155 20.64 54.64 -4.79
N ASN B 156 21.49 55.57 -4.35
CA ASN B 156 22.70 55.86 -5.11
C ASN B 156 23.56 54.61 -5.13
N TYR B 157 24.28 54.39 -6.24
CA TYR B 157 24.96 53.11 -6.45
C TYR B 157 25.85 52.69 -5.29
N ASN B 158 26.62 53.63 -4.74
CA ASN B 158 27.55 53.25 -3.70
C ASN B 158 26.86 52.85 -2.41
N THR B 159 25.71 53.46 -2.11
CA THR B 159 24.95 53.08 -0.93
C THR B 159 24.30 51.73 -1.19
N LEU B 160 23.82 51.54 -2.42
CA LEU B 160 23.24 50.26 -2.82
C LEU B 160 24.25 49.14 -2.67
N PHE B 161 25.47 49.38 -3.14
CA PHE B 161 26.53 48.37 -3.02
C PHE B 161 26.83 48.04 -1.57
N LEU B 162 26.93 49.06 -0.74
CA LEU B 162 27.22 48.88 0.68
C LEU B 162 26.07 48.17 1.40
N LEU B 163 24.84 48.48 0.99
CA LEU B 163 23.66 47.84 1.54
C LEU B 163 23.63 46.38 1.14
N THR B 164 24.04 46.10 -0.08
CA THR B 164 24.07 44.73 -0.57
C THR B 164 25.07 43.89 0.23
N LYS B 165 26.26 44.46 0.50
CA LYS B 165 27.27 43.81 1.33
C LYS B 165 26.71 43.47 2.72
N GLU B 166 25.99 44.41 3.31
CA GLU B 166 25.36 44.18 4.60
C GLU B 166 24.40 43.01 4.52
N MSE B 167 23.56 43.00 3.49
CA MSE B 167 22.52 41.98 3.34
C MSE B 167 23.07 40.56 3.14
O MSE B 167 22.61 39.62 3.77
CB MSE B 167 21.60 42.32 2.18
CG MSE B 167 20.66 41.20 1.79
SE MSE B 167 19.75 41.66 0.11
CE MSE B 167 21.29 41.60 -1.07
N VAL B 168 24.08 40.44 2.26
CA VAL B 168 24.64 39.12 1.98
C VAL B 168 25.38 38.52 3.17
N THR B 169 25.85 39.37 4.08
CA THR B 169 26.60 38.88 5.23
C THR B 169 25.75 38.77 6.50
N SER B 170 24.51 39.24 6.43
CA SER B 170 23.65 39.30 7.61
C SER B 170 22.24 38.79 7.42
N PHE B 171 21.99 37.94 6.42
CA PHE B 171 20.63 37.43 6.26
C PHE B 171 20.53 36.09 6.95
N ALA B 172 19.31 35.70 7.31
CA ALA B 172 19.14 34.44 8.00
C ALA B 172 18.37 33.43 7.14
N TYR B 173 18.89 32.20 7.09
CA TYR B 173 18.13 31.11 6.49
C TYR B 173 18.36 29.81 7.24
N SER B 174 17.57 28.80 6.92
CA SER B 174 17.82 27.47 7.46
C SER B 174 17.85 26.48 6.32
N GLU B 175 18.28 25.26 6.64
CA GLU B 175 18.33 24.19 5.67
C GLU B 175 16.92 23.91 5.12
N GLN B 176 15.90 24.11 5.94
CA GLN B 176 14.53 23.78 5.53
C GLN B 176 13.84 24.87 4.75
N ASN B 177 14.40 26.08 4.79
CA ASN B 177 13.76 27.21 4.12
C ASN B 177 14.79 28.19 3.55
N LYS B 178 15.03 28.09 2.25
CA LYS B 178 16.03 28.95 1.62
C LYS B 178 15.40 30.13 0.89
N THR B 179 14.18 30.47 1.29
CA THR B 179 13.47 31.57 0.67
C THR B 179 14.31 32.83 0.71
N ASN B 180 14.80 33.20 1.88
CA ASN B 180 15.58 34.44 1.95
C ASN B 180 16.92 34.35 1.21
N LYS B 181 17.52 33.17 1.20
CA LYS B 181 18.81 32.99 0.53
C LYS B 181 18.65 33.15 -0.98
N THR B 182 17.58 32.59 -1.51
CA THR B 182 17.33 32.72 -2.94
C THR B 182 17.10 34.20 -3.31
N LEU B 183 16.33 34.91 -2.49
CA LEU B 183 16.12 36.34 -2.71
C LEU B 183 17.45 37.10 -2.63
N VAL B 184 18.23 36.88 -1.57
CA VAL B 184 19.53 37.54 -1.44
C VAL B 184 20.42 37.27 -2.66
N THR B 185 20.35 36.05 -3.20
CA THR B 185 21.14 35.70 -4.38
C THR B 185 20.67 36.53 -5.58
N GLN B 186 19.37 36.62 -5.77
CA GLN B 186 18.82 37.41 -6.85
C GLN B 186 19.21 38.88 -6.76
N LEU B 187 19.13 39.47 -5.57
CA LEU B 187 19.48 40.88 -5.42
C LEU B 187 20.99 41.13 -5.56
N SER B 188 21.80 40.13 -5.22
CA SER B 188 23.24 40.26 -5.39
C SER B 188 23.57 40.29 -6.87
N ILE B 189 22.94 39.40 -7.63
CA ILE B 189 23.10 39.41 -9.08
C ILE B 189 22.64 40.76 -9.68
N ASN B 190 21.53 41.29 -9.19
CA ASN B 190 21.02 42.60 -9.60
C ASN B 190 22.08 43.69 -9.38
N CYS B 191 22.76 43.63 -8.24
CA CYS B 191 23.80 44.63 -7.98
C CYS B 191 24.99 44.41 -8.89
N LEU B 192 25.33 43.14 -9.14
CA LEU B 192 26.43 42.80 -10.03
C LEU B 192 26.19 43.37 -11.44
N ILE B 193 24.96 43.29 -11.89
CA ILE B 193 24.58 43.86 -13.20
C ILE B 193 24.90 45.37 -13.28
N ILE B 194 24.54 46.10 -12.23
CA ILE B 194 24.79 47.54 -12.15
C ILE B 194 26.28 47.84 -12.06
N SER B 195 26.99 47.02 -11.28
CA SER B 195 28.41 47.20 -11.08
C SER B 195 29.18 47.02 -12.38
N ILE B 196 28.76 46.05 -13.17
CA ILE B 196 29.35 45.85 -14.48
C ILE B 196 29.04 47.04 -15.39
N ASP B 197 27.77 47.44 -15.45
CA ASP B 197 27.33 48.57 -16.26
C ASP B 197 28.14 49.83 -16.00
N TYR B 198 28.39 50.10 -14.73
CA TYR B 198 29.13 51.28 -14.31
C TYR B 198 30.63 51.03 -14.28
N SER B 199 31.04 49.84 -14.72
CA SER B 199 32.46 49.48 -14.81
C SER B 199 33.18 49.50 -13.45
N TYR B 200 32.44 49.21 -12.38
CA TYR B 200 33.04 49.01 -11.06
C TYR B 200 33.50 47.56 -10.93
N PHE B 201 34.65 47.23 -11.49
CA PHE B 201 35.07 45.83 -11.57
C PHE B 201 35.59 45.28 -10.23
N ASP B 202 35.98 46.19 -9.35
CA ASP B 202 36.26 45.88 -7.96
C ASP B 202 35.02 45.26 -7.31
N HIS B 203 33.92 46.00 -7.42
CA HIS B 203 32.67 45.59 -6.85
C HIS B 203 32.15 44.33 -7.54
N SER B 204 32.31 44.29 -8.86
CA SER B 204 31.90 43.11 -9.63
C SER B 204 32.60 41.85 -9.14
N HIS B 205 33.92 41.93 -8.96
CA HIS B 205 34.71 40.80 -8.51
C HIS B 205 34.26 40.29 -7.15
N TYR B 206 34.11 41.19 -6.19
CA TYR B 206 33.54 40.85 -4.89
C TYR B 206 32.20 40.10 -5.03
N LEU B 207 31.28 40.64 -5.84
CA LEU B 207 29.93 40.08 -5.95
C LEU B 207 29.91 38.71 -6.59
N ILE B 208 30.77 38.52 -7.58
CA ILE B 208 30.92 37.24 -8.27
C ILE B 208 31.34 36.15 -7.29
N GLU B 209 32.34 36.46 -6.47
CA GLU B 209 32.79 35.54 -5.43
C GLU B 209 31.66 35.20 -4.44
N LYS B 210 30.93 36.21 -3.97
CA LYS B 210 29.79 36.00 -3.07
C LYS B 210 28.69 35.16 -3.72
N ILE B 211 28.35 35.48 -4.97
CA ILE B 211 27.29 34.76 -5.66
C ILE B 211 27.69 33.30 -5.85
N GLU B 212 28.95 33.04 -6.20
CA GLU B 212 29.41 31.67 -6.36
C GLU B 212 29.26 30.91 -5.06
N PHE B 213 29.57 31.59 -3.95
CA PHE B 213 29.46 30.97 -2.63
C PHE B 213 28.00 30.67 -2.30
N LEU B 214 27.12 31.62 -2.59
CA LEU B 214 25.69 31.47 -2.30
C LEU B 214 25.04 30.36 -3.14
N LEU B 215 25.61 30.09 -4.32
CA LEU B 215 25.03 29.08 -5.20
C LEU B 215 25.56 27.67 -4.97
N ARG B 216 26.64 27.55 -4.19
CA ARG B 216 27.26 26.28 -3.89
C ARG B 216 26.30 25.28 -3.19
N ASP B 217 26.35 24.03 -3.62
CA ASP B 217 25.51 22.97 -3.07
C ASP B 217 24.02 23.37 -3.01
N GLU B 218 23.56 24.10 -4.03
CA GLU B 218 22.17 24.49 -4.14
C GLU B 218 21.64 24.10 -5.51
N LEU B 219 20.33 24.16 -5.69
CA LEU B 219 19.75 23.95 -7.02
C LEU B 219 19.75 25.31 -7.70
N ASN B 220 18.68 26.06 -7.54
CA ASN B 220 18.67 27.47 -7.96
C ASN B 220 19.11 27.65 -9.42
N PHE B 221 18.54 26.87 -10.33
CA PHE B 221 18.99 26.94 -11.71
C PHE B 221 18.63 28.28 -12.37
N TYR B 222 17.57 28.93 -11.93
CA TYR B 222 17.24 30.23 -12.52
C TYR B 222 18.36 31.23 -12.25
N GLU B 223 18.81 31.27 -11.01
CA GLU B 223 19.88 32.19 -10.66
C GLU B 223 21.19 31.78 -11.31
N LYS B 224 21.45 30.48 -11.42
CA LYS B 224 22.66 30.01 -12.10
C LYS B 224 22.66 30.39 -13.58
N THR B 225 21.48 30.37 -14.20
CA THR B 225 21.38 30.71 -15.63
C THR B 225 21.60 32.19 -15.85
N VAL B 226 20.98 33.01 -15.01
CA VAL B 226 21.17 34.46 -15.09
C VAL B 226 22.63 34.81 -14.80
N PHE B 227 23.19 34.18 -13.76
CA PHE B 227 24.59 34.39 -13.40
C PHE B 227 25.54 33.95 -14.53
N LEU B 228 25.20 32.89 -15.25
CA LEU B 228 25.98 32.50 -16.42
C LEU B 228 26.04 33.66 -17.40
N TYR B 229 24.91 34.32 -17.59
CA TYR B 229 24.83 35.41 -18.56
C TYR B 229 25.61 36.63 -18.08
N VAL B 230 25.37 37.01 -16.84
CA VAL B 230 25.86 38.26 -16.28
C VAL B 230 27.37 38.22 -16.08
N HIS B 231 27.85 37.08 -15.59
CA HIS B 231 29.28 36.87 -15.42
C HIS B 231 29.97 36.85 -16.80
N GLY B 232 29.32 36.23 -17.78
CA GLY B 232 29.84 36.24 -19.14
C GLY B 232 29.96 37.67 -19.62
N TYR B 233 28.97 38.48 -19.26
CA TYR B 233 28.93 39.90 -19.61
C TYR B 233 30.10 40.64 -18.95
N TYR B 234 30.37 40.31 -17.69
CA TYR B 234 31.54 40.82 -16.99
C TYR B 234 32.83 40.40 -17.68
N LYS B 235 32.88 39.14 -18.11
CA LYS B 235 34.06 38.61 -18.80
C LYS B 235 34.28 39.34 -20.12
N LEU B 236 33.19 39.57 -20.85
CA LEU B 236 33.25 40.27 -22.11
C LEU B 236 33.83 41.67 -21.92
N LYS B 237 33.30 42.40 -20.94
CA LYS B 237 33.74 43.77 -20.69
C LYS B 237 35.21 43.83 -20.28
N GLN B 238 35.86 42.68 -20.21
CA GLN B 238 37.29 42.63 -19.98
C GLN B 238 37.99 41.64 -20.91
N GLY B 239 37.57 41.63 -22.17
CA GLY B 239 38.31 40.95 -23.22
C GLY B 239 38.53 39.46 -23.13
N GLN B 240 37.55 38.73 -22.57
CA GLN B 240 37.57 37.28 -22.68
C GLN B 240 36.50 36.87 -23.68
N VAL B 241 36.91 36.23 -24.77
CA VAL B 241 35.98 35.87 -25.84
C VAL B 241 34.97 34.87 -25.31
N SER B 242 35.35 34.15 -24.26
CA SER B 242 34.50 33.10 -23.72
C SER B 242 33.21 33.70 -23.17
N GLY B 243 33.27 34.97 -22.79
CA GLY B 243 32.11 35.64 -22.19
C GLY B 243 30.89 35.59 -23.08
N LYS B 244 31.11 35.77 -24.38
CA LYS B 244 30.02 35.70 -25.35
C LYS B 244 29.50 34.27 -25.45
N ASP B 245 30.39 33.28 -25.36
CA ASP B 245 29.93 31.89 -25.35
C ASP B 245 29.03 31.65 -24.14
N ASP B 246 29.44 32.15 -22.98
CA ASP B 246 28.62 32.00 -21.78
C ASP B 246 27.24 32.62 -21.95
N MSE B 247 27.19 33.82 -22.52
CA MSE B 247 25.92 34.51 -22.70
C MSE B 247 25.03 33.74 -23.69
O MSE B 247 23.82 33.62 -23.47
CB MSE B 247 26.14 35.94 -23.19
CG MSE B 247 26.74 36.86 -22.12
SE MSE B 247 27.56 38.50 -22.85
CE MSE B 247 26.11 39.74 -22.53
N ARG B 248 25.62 33.25 -24.77
CA ARG B 248 24.84 32.48 -25.75
C ARG B 248 24.31 31.16 -25.14
N GLN B 249 25.09 30.54 -24.26
CA GLN B 249 24.63 29.34 -23.56
C GLN B 249 23.43 29.64 -22.66
N ALA B 250 23.48 30.75 -21.94
CA ALA B 250 22.37 31.15 -21.09
C ALA B 250 21.12 31.37 -21.91
N LEU B 251 21.27 31.99 -23.09
CA LEU B 251 20.13 32.22 -23.97
C LEU B 251 19.49 30.90 -24.37
N GLN B 252 20.33 29.94 -24.75
CA GLN B 252 19.88 28.60 -25.12
C GLN B 252 19.08 27.94 -23.99
N ILE B 253 19.53 28.12 -22.76
CA ILE B 253 18.82 27.56 -21.61
C ILE B 253 17.39 28.12 -21.53
N PHE B 254 17.24 29.44 -21.52
CA PHE B 254 15.91 30.07 -21.55
C PHE B 254 15.07 29.50 -22.70
N LYS B 255 15.69 29.41 -23.88
CA LYS B 255 15.05 28.89 -25.08
C LYS B 255 14.55 27.47 -24.89
N TYR B 256 15.47 26.59 -24.48
CA TYR B 256 15.17 25.18 -24.30
C TYR B 256 14.05 24.97 -23.28
N LEU B 257 13.98 25.82 -22.25
CA LEU B 257 12.97 25.65 -21.21
C LEU B 257 11.66 26.34 -21.54
N GLY B 258 11.56 26.93 -22.72
CA GLY B 258 10.31 27.52 -23.16
C GLY B 258 10.08 28.83 -22.45
N GLU B 259 11.14 29.38 -21.85
CA GLU B 259 11.02 30.66 -21.16
C GLU B 259 11.14 31.83 -22.16
N ASP B 260 10.10 32.04 -22.94
CA ASP B 260 10.15 32.96 -24.07
C ASP B 260 10.44 34.42 -23.67
N ALA B 261 9.79 34.90 -22.62
CA ALA B 261 9.96 36.29 -22.22
C ALA B 261 11.38 36.57 -21.77
N LEU B 262 11.95 35.65 -20.99
CA LEU B 262 13.33 35.77 -20.56
C LEU B 262 14.26 35.66 -21.76
N TYR B 263 13.99 34.72 -22.64
CA TYR B 263 14.78 34.56 -23.86
C TYR B 263 14.81 35.84 -24.63
N TYR B 264 13.64 36.41 -24.89
CA TYR B 264 13.52 37.66 -25.65
C TYR B 264 14.28 38.78 -24.98
N SER B 265 14.12 38.88 -23.67
CA SER B 265 14.65 40.01 -22.92
C SER B 265 16.18 39.97 -22.86
N TYR B 266 16.75 38.79 -22.61
CA TYR B 266 18.21 38.70 -22.58
C TYR B 266 18.81 38.75 -23.99
N LYS B 267 18.10 38.25 -24.99
CA LYS B 267 18.61 38.28 -26.36
C LYS B 267 18.65 39.72 -26.86
N GLU B 268 17.73 40.54 -26.35
CA GLU B 268 17.73 41.97 -26.64
C GLU B 268 18.97 42.65 -26.05
N HIS B 269 19.31 42.30 -24.81
CA HIS B 269 20.52 42.80 -24.16
C HIS B 269 21.76 42.39 -24.93
N TYR B 270 21.80 41.13 -25.34
CA TYR B 270 22.89 40.60 -26.14
C TYR B 270 23.09 41.39 -27.47
N ARG B 271 22.05 41.46 -28.29
CA ARG B 271 22.15 42.16 -29.57
C ARG B 271 22.56 43.63 -29.42
N LYS B 272 22.19 44.25 -28.31
CA LYS B 272 22.53 45.63 -28.05
C LYS B 272 23.97 45.80 -27.55
N GLU B 273 24.32 45.10 -26.48
CA GLU B 273 25.63 45.30 -25.86
C GLU B 273 26.75 44.51 -26.53
N VAL B 274 26.41 43.53 -27.35
CA VAL B 274 27.42 42.69 -27.99
C VAL B 274 27.39 42.85 -29.51
N GLU C 4 -8.61 -19.29 25.62
CA GLU C 4 -8.43 -17.91 25.17
C GLU C 4 -9.31 -17.58 23.97
N LEU C 5 -10.45 -18.27 23.86
CA LEU C 5 -11.43 -17.96 22.80
C LEU C 5 -11.72 -16.46 22.79
N GLY C 6 -11.79 -15.86 23.98
CA GLY C 6 -12.01 -14.44 24.13
C GLY C 6 -10.86 -13.60 23.61
N LYS C 7 -9.63 -13.97 23.95
CA LYS C 7 -8.45 -13.26 23.44
C LYS C 7 -8.35 -13.36 21.91
N THR C 8 -8.62 -14.54 21.35
CA THR C 8 -8.64 -14.71 19.90
C THR C 8 -9.68 -13.82 19.23
N LEU C 9 -10.89 -13.79 19.77
CA LEU C 9 -11.94 -12.93 19.25
C LEU C 9 -11.51 -11.46 19.26
N ARG C 10 -10.92 -11.02 20.36
CA ARG C 10 -10.51 -9.63 20.49
C ARG C 10 -9.50 -9.29 19.40
N ARG C 11 -8.55 -10.20 19.19
CA ARG C 11 -7.50 -10.01 18.21
C ARG C 11 -8.07 -9.90 16.79
N LEU C 12 -8.95 -10.82 16.43
CA LEU C 12 -9.57 -10.79 15.11
C LEU C 12 -10.48 -9.58 14.97
N ARG C 13 -11.25 -9.27 16.02
CA ARG C 13 -12.07 -8.07 16.00
C ARG C 13 -11.21 -6.82 15.78
N GLN C 14 -10.15 -6.66 16.56
CA GLN C 14 -9.24 -5.53 16.38
C GLN C 14 -8.51 -5.61 15.04
N GLY C 15 -8.34 -6.82 14.52
CA GLY C 15 -7.66 -7.00 13.24
C GLY C 15 -8.46 -6.44 12.07
N LYS C 16 -9.79 -6.36 12.23
CA LYS C 16 -10.67 -5.82 11.20
C LYS C 16 -11.08 -4.39 11.52
N GLN C 17 -10.43 -3.81 12.51
CA GLN C 17 -10.68 -2.42 12.95
C GLN C 17 -12.15 -2.19 13.34
N VAL C 18 -12.75 -3.18 14.00
CA VAL C 18 -14.15 -3.12 14.45
C VAL C 18 -14.26 -2.85 15.96
N SER C 19 -15.21 -2.01 16.35
CA SER C 19 -15.41 -1.67 17.76
C SER C 19 -16.33 -2.67 18.46
N ILE C 20 -16.20 -2.76 19.79
CA ILE C 20 -17.04 -3.65 20.58
C ILE C 20 -18.50 -3.20 20.57
N SER C 21 -18.71 -1.89 20.59
CA SER C 21 -20.05 -1.30 20.59
C SER C 21 -20.91 -1.82 19.43
N SER C 22 -20.29 -1.97 18.26
CA SER C 22 -21.00 -2.37 17.07
C SER C 22 -21.50 -3.81 17.15
N LEU C 23 -20.76 -4.64 17.87
CA LEU C 23 -21.10 -6.06 17.92
C LEU C 23 -22.21 -6.37 18.92
N ALA C 24 -22.56 -5.39 19.74
CA ALA C 24 -23.57 -5.59 20.79
C ALA C 24 -24.98 -5.66 20.21
N ASP C 25 -25.80 -6.56 20.74
CA ASP C 25 -27.19 -6.66 20.32
C ASP C 25 -28.09 -7.30 21.39
N GLU C 26 -29.25 -7.79 20.94
CA GLU C 26 -30.25 -8.43 21.79
C GLU C 26 -29.70 -9.58 22.63
N HIS C 27 -28.57 -10.15 22.22
CA HIS C 27 -28.01 -11.34 22.87
C HIS C 27 -26.84 -11.01 23.82
N LEU C 28 -25.99 -10.06 23.45
CA LEU C 28 -24.87 -9.67 24.31
C LEU C 28 -24.66 -8.15 24.36
N SER C 29 -24.40 -7.62 25.56
CA SER C 29 -24.10 -6.21 25.71
C SER C 29 -22.64 -5.95 25.41
N LYS C 30 -22.29 -4.68 25.23
CA LYS C 30 -20.90 -4.30 25.07
C LYS C 30 -20.11 -4.76 26.30
N SER C 31 -20.72 -4.60 27.47
CA SER C 31 -20.15 -5.06 28.73
C SER C 31 -19.84 -6.55 28.71
N GLN C 32 -20.78 -7.33 28.17
CA GLN C 32 -20.64 -8.79 28.16
C GLN C 32 -19.57 -9.25 27.19
N ILE C 33 -19.45 -8.55 26.06
CA ILE C 33 -18.44 -8.87 25.06
C ILE C 33 -17.03 -8.57 25.57
N SER C 34 -16.85 -7.37 26.14
CA SER C 34 -15.58 -6.99 26.71
C SER C 34 -15.13 -7.99 27.76
N ARG C 35 -16.07 -8.42 28.58
CA ARG C 35 -15.81 -9.37 29.65
C ARG C 35 -15.35 -10.72 29.10
N PHE C 36 -15.95 -11.14 28.00
CA PHE C 36 -15.57 -12.40 27.36
C PHE C 36 -14.17 -12.32 26.75
N GLU C 37 -13.91 -11.22 26.04
CA GLU C 37 -12.60 -11.00 25.44
C GLU C 37 -11.50 -11.00 26.51
N ARG C 38 -11.77 -10.40 27.65
CA ARG C 38 -10.76 -10.29 28.70
C ARG C 38 -10.61 -11.59 29.48
N GLY C 39 -11.49 -12.55 29.23
CA GLY C 39 -11.41 -13.85 29.88
C GLY C 39 -12.01 -13.88 31.27
N GLU C 40 -13.05 -13.08 31.49
CA GLU C 40 -13.71 -13.05 32.80
C GLU C 40 -15.05 -13.79 32.77
N SER C 41 -15.54 -14.09 31.59
CA SER C 41 -16.77 -14.86 31.45
C SER C 41 -16.71 -15.81 30.26
N GLU C 42 -17.64 -16.75 30.21
CA GLU C 42 -17.75 -17.65 29.08
C GLU C 42 -19.05 -17.34 28.33
N ILE C 43 -19.06 -17.60 27.03
CA ILE C 43 -20.29 -17.48 26.28
C ILE C 43 -20.53 -18.75 25.49
N SER C 44 -21.79 -19.03 25.18
CA SER C 44 -22.17 -20.19 24.38
C SER C 44 -21.65 -20.09 22.95
N CYS C 45 -21.48 -21.25 22.29
CA CYS C 45 -21.10 -21.25 20.88
C CYS C 45 -22.15 -20.44 20.13
N SER C 46 -23.42 -20.60 20.48
CA SER C 46 -24.50 -19.85 19.85
C SER C 46 -24.22 -18.34 19.81
N ARG C 47 -23.87 -17.77 20.94
CA ARG C 47 -23.58 -16.34 20.99
C ARG C 47 -22.25 -15.99 20.35
N LEU C 48 -21.28 -16.91 20.45
CA LEU C 48 -20.00 -16.71 19.76
C LEU C 48 -20.19 -16.72 18.25
N LEU C 49 -20.98 -17.68 17.76
CA LEU C 49 -21.24 -17.75 16.32
C LEU C 49 -21.89 -16.49 15.80
N ASN C 50 -22.73 -15.87 16.63
CA ASN C 50 -23.39 -14.62 16.26
C ASN C 50 -22.40 -13.47 16.14
N LEU C 51 -21.43 -13.40 17.04
CA LEU C 51 -20.36 -12.39 16.97
C LEU C 51 -19.51 -12.57 15.72
N LEU C 52 -19.13 -13.82 15.43
CA LEU C 52 -18.36 -14.16 14.24
C LEU C 52 -19.11 -13.86 12.94
N ASP C 53 -20.42 -14.10 12.97
CA ASP C 53 -21.29 -13.74 11.84
C ASP C 53 -21.25 -12.23 11.58
N LYS C 54 -21.29 -11.44 12.65
CA LYS C 54 -21.23 -9.99 12.51
C LYS C 54 -19.86 -9.54 12.01
N LEU C 55 -18.82 -10.30 12.36
CA LEU C 55 -17.46 -10.00 11.93
C LEU C 55 -17.12 -10.57 10.55
N ASN C 56 -18.02 -11.39 10.01
CA ASN C 56 -17.81 -12.10 8.75
C ASN C 56 -16.57 -12.99 8.82
N ILE C 57 -16.44 -13.66 9.95
CA ILE C 57 -15.40 -14.66 10.18
C ILE C 57 -16.05 -16.01 10.35
N THR C 58 -15.63 -16.99 9.56
CA THR C 58 -16.27 -18.29 9.63
C THR C 58 -15.79 -18.98 10.91
N ILE C 59 -16.60 -19.90 11.44
CA ILE C 59 -16.23 -20.61 12.66
C ILE C 59 -14.97 -21.44 12.43
N ASP C 60 -14.81 -21.93 11.20
CA ASP C 60 -13.63 -22.70 10.86
C ASP C 60 -12.38 -21.85 10.95
N GLU C 61 -12.47 -20.63 10.41
CA GLU C 61 -11.37 -19.66 10.45
C GLU C 61 -11.05 -19.32 11.91
N PHE C 62 -12.09 -19.08 12.70
CA PHE C 62 -11.89 -18.73 14.11
C PHE C 62 -11.19 -19.84 14.90
N VAL C 63 -11.77 -21.03 14.88
CA VAL C 63 -11.22 -22.13 15.67
C VAL C 63 -9.86 -22.57 15.12
N SER C 64 -9.66 -22.38 13.81
CA SER C 64 -8.36 -22.67 13.22
C SER C 64 -7.51 -21.41 13.06
N THR C 65 -7.85 -20.36 13.81
CA THR C 65 -6.97 -19.22 14.03
C THR C 65 -6.58 -19.22 15.51
N HIS C 66 -7.54 -19.60 16.37
CA HIS C 66 -7.25 -19.96 17.76
C HIS C 66 -6.25 -21.11 17.76
N HIS C 70 -7.43 -27.07 18.85
CA HIS C 70 -6.95 -28.40 18.44
C HIS C 70 -7.95 -29.51 18.75
N THR C 71 -7.95 -30.57 17.93
CA THR C 71 -8.74 -31.77 18.20
C THR C 71 -7.89 -33.02 18.19
N HIS C 72 -8.37 -34.08 18.83
CA HIS C 72 -7.61 -35.33 18.94
C HIS C 72 -7.30 -35.91 17.56
N PHE C 73 -8.33 -35.98 16.71
CA PHE C 73 -8.12 -36.67 15.44
C PHE C 73 -7.19 -35.88 14.54
N PHE C 74 -7.38 -34.56 14.49
CA PHE C 74 -6.55 -33.69 13.65
C PHE C 74 -5.08 -33.69 14.10
N THR C 75 -4.87 -33.59 15.40
CA THR C 75 -3.52 -33.70 15.97
C THR C 75 -2.84 -35.02 15.56
N LEU C 76 -3.56 -36.13 15.65
CA LEU C 76 -3.03 -37.41 15.20
C LEU C 76 -2.68 -37.39 13.71
N LEU C 77 -3.61 -36.90 12.90
CA LEU C 77 -3.39 -36.85 11.45
C LEU C 77 -2.23 -35.96 11.04
N SER C 78 -2.11 -34.81 11.70
CA SER C 78 -0.99 -33.91 11.45
C SER C 78 0.35 -34.62 11.73
N ARG C 79 0.42 -35.36 12.84
CA ARG C 79 1.64 -36.10 13.16
C ARG C 79 1.92 -37.21 12.13
N VAL C 80 0.91 -38.02 11.86
CA VAL C 80 0.99 -39.06 10.84
C VAL C 80 1.46 -38.50 9.49
N ARG C 81 0.81 -37.42 9.04
CA ARG C 81 1.18 -36.79 7.77
C ARG C 81 2.63 -36.32 7.75
N LYS C 82 3.05 -35.70 8.85
CA LYS C 82 4.43 -35.22 8.99
C LYS C 82 5.43 -36.39 8.91
N TYR C 83 5.24 -37.41 9.72
CA TYR C 83 6.19 -38.53 9.71
C TYR C 83 6.12 -39.30 8.39
N TYR C 84 4.93 -39.37 7.79
CA TYR C 84 4.76 -40.08 6.54
C TYR C 84 5.47 -39.34 5.43
N ALA C 85 5.35 -38.02 5.41
CA ALA C 85 6.07 -37.18 4.47
C ALA C 85 7.59 -37.37 4.59
N GLU C 86 8.08 -37.52 5.82
CA GLU C 86 9.49 -37.81 6.09
C GLU C 86 9.85 -39.26 5.78
N LYS C 87 8.81 -40.05 5.49
CA LYS C 87 8.90 -41.50 5.35
C LYS C 87 9.73 -42.07 6.51
N ASN C 88 9.34 -41.67 7.72
CA ASN C 88 10.09 -41.98 8.93
C ASN C 88 9.39 -43.07 9.76
N VAL C 89 9.75 -44.32 9.48
CA VAL C 89 9.13 -45.48 10.11
C VAL C 89 9.37 -45.49 11.61
N ALA C 90 10.59 -45.14 12.03
CA ALA C 90 10.90 -45.02 13.46
C ALA C 90 9.88 -44.12 14.20
N LYS C 91 9.64 -42.93 13.66
CA LYS C 91 8.71 -42.03 14.32
C LYS C 91 7.25 -42.51 14.24
N LEU C 92 6.90 -43.17 13.14
CA LEU C 92 5.57 -43.76 13.01
C LEU C 92 5.35 -44.93 13.98
N LEU C 93 6.40 -45.71 14.22
CA LEU C 93 6.30 -46.79 15.19
C LEU C 93 6.08 -46.25 16.60
N LYS C 94 6.77 -45.15 16.94
CA LYS C 94 6.62 -44.54 18.26
C LYS C 94 5.23 -43.93 18.36
N LEU C 95 4.78 -43.32 17.27
CA LEU C 95 3.43 -42.78 17.23
C LEU C 95 2.40 -43.89 17.50
N LEU C 96 2.57 -45.02 16.82
CA LEU C 96 1.74 -46.21 17.02
C LEU C 96 1.70 -46.65 18.49
N GLU C 97 2.86 -46.74 19.10
CA GLU C 97 2.96 -47.06 20.51
C GLU C 97 2.12 -46.08 21.36
N ASP C 98 2.23 -44.78 21.07
CA ASP C 98 1.57 -43.76 21.87
C ASP C 98 0.06 -43.80 21.75
N TYR C 99 -0.44 -44.30 20.62
CA TYR C 99 -1.87 -44.35 20.33
C TYR C 99 -2.44 -45.77 20.45
N ALA C 100 -1.64 -46.71 20.95
CA ALA C 100 -2.04 -48.11 20.96
C ALA C 100 -3.33 -48.38 21.74
N HIS C 101 -3.62 -47.55 22.74
CA HIS C 101 -4.85 -47.71 23.54
C HIS C 101 -6.09 -47.10 22.87
N LYS C 102 -5.92 -46.44 21.73
CA LYS C 102 -7.04 -45.89 20.95
C LYS C 102 -7.28 -46.85 19.79
N ASP C 103 -8.36 -47.62 19.85
CA ASP C 103 -8.53 -48.74 18.90
C ASP C 103 -8.59 -48.31 17.40
N TYR C 104 -9.57 -47.52 17.01
CA TYR C 104 -9.68 -47.22 15.57
C TYR C 104 -8.46 -46.46 15.08
N GLU C 105 -7.97 -45.51 15.89
CA GLU C 105 -6.80 -44.69 15.52
C GLU C 105 -5.56 -45.55 15.28
N SER C 106 -5.31 -46.48 16.19
CA SER C 106 -4.10 -47.30 16.07
C SER C 106 -4.25 -48.35 14.96
N THR C 107 -5.47 -48.85 14.75
CA THR C 107 -5.73 -49.67 13.57
C THR C 107 -5.39 -48.90 12.30
N MSE C 108 -5.81 -47.64 12.24
CA MSE C 108 -5.49 -46.79 11.10
C MSE C 108 -3.98 -46.57 10.93
O MSE C 108 -3.45 -46.71 9.83
CB MSE C 108 -6.19 -45.44 11.22
CG MSE C 108 -6.11 -44.63 9.96
SE MSE C 108 -6.65 -42.77 10.26
CE MSE C 108 -5.13 -42.18 11.34
N ILE C 109 -3.29 -46.24 12.01
CA ILE C 109 -1.84 -46.05 11.95
C ILE C 109 -1.15 -47.31 11.42
N LYS C 110 -1.56 -48.49 11.89
CA LYS C 110 -1.01 -49.73 11.35
C LYS C 110 -1.27 -49.89 9.85
N ALA C 111 -2.48 -49.56 9.41
CA ALA C 111 -2.79 -49.67 7.99
C ALA C 111 -1.88 -48.76 7.17
N ILE C 112 -1.73 -47.53 7.62
CA ILE C 112 -0.89 -46.55 6.93
C ILE C 112 0.59 -46.97 6.87
N LEU C 113 1.10 -47.38 8.03
CA LEU C 113 2.49 -47.80 8.17
C LEU C 113 2.81 -49.00 7.29
N SER C 114 1.80 -49.84 7.10
CA SER C 114 1.93 -51.03 6.26
C SER C 114 2.45 -50.73 4.85
N SER C 115 2.08 -49.59 4.28
CA SER C 115 2.45 -49.28 2.90
C SER C 115 3.96 -49.02 2.76
N ILE C 116 4.63 -48.55 3.80
CA ILE C 116 6.07 -48.33 3.70
C ILE C 116 6.86 -49.21 4.66
N GLU C 117 6.14 -50.05 5.40
CA GLU C 117 6.77 -51.04 6.26
C GLU C 117 5.87 -52.27 6.30
N PRO C 118 5.91 -53.10 5.24
CA PRO C 118 5.02 -54.26 5.07
C PRO C 118 4.95 -55.19 6.28
N THR C 119 5.94 -55.12 7.15
CA THR C 119 5.96 -55.84 8.43
C THR C 119 4.71 -55.61 9.29
N VAL C 120 4.27 -54.36 9.38
CA VAL C 120 3.19 -53.98 10.29
C VAL C 120 1.84 -54.07 9.59
N GLU C 121 0.85 -54.63 10.26
CA GLU C 121 -0.50 -54.80 9.71
C GLU C 121 -1.56 -54.84 10.79
N PRO C 122 -2.74 -54.26 10.52
CA PRO C 122 -3.83 -54.48 11.47
C PRO C 122 -4.32 -55.92 11.40
N SER C 123 -4.71 -56.50 12.53
CA SER C 123 -5.21 -57.86 12.52
C SER C 123 -6.65 -57.87 12.02
N GLU C 124 -7.17 -59.06 11.74
CA GLU C 124 -8.55 -59.18 11.30
C GLU C 124 -9.51 -58.69 12.38
N GLU C 125 -9.21 -59.03 13.63
CA GLU C 125 -10.01 -58.57 14.75
C GLU C 125 -10.06 -57.04 14.82
N GLU C 126 -8.91 -56.39 14.67
CA GLU C 126 -8.89 -54.92 14.62
C GLU C 126 -9.74 -54.38 13.49
N VAL C 127 -9.62 -54.96 12.30
CA VAL C 127 -10.34 -54.45 11.14
C VAL C 127 -11.86 -54.64 11.29
N THR C 128 -12.29 -55.78 11.84
CA THR C 128 -13.71 -56.04 12.05
C THR C 128 -14.37 -55.06 13.04
N ARG C 129 -13.68 -54.71 14.13
CA ARG C 129 -14.20 -53.72 15.07
C ARG C 129 -14.36 -52.37 14.36
N LEU C 130 -13.40 -52.02 13.52
CA LEU C 130 -13.50 -50.78 12.77
C LEU C 130 -14.66 -50.80 11.75
N THR C 131 -14.79 -51.89 10.99
CA THR C 131 -15.89 -51.96 10.02
C THR C 131 -17.25 -52.08 10.72
N ASP C 132 -17.31 -52.77 11.86
CA ASP C 132 -18.56 -52.78 12.63
C ASP C 132 -18.93 -51.34 13.01
N TYR C 133 -17.95 -50.57 13.47
CA TYR C 133 -18.18 -49.17 13.82
C TYR C 133 -18.70 -48.37 12.64
N LEU C 134 -18.03 -48.49 11.49
CA LEU C 134 -18.42 -47.74 10.29
C LEU C 134 -19.83 -48.10 9.81
N PHE C 135 -20.20 -49.38 9.91
CA PHE C 135 -21.56 -49.79 9.57
C PHE C 135 -22.59 -49.19 10.53
N SER C 136 -22.17 -48.88 11.76
CA SER C 136 -23.13 -48.45 12.78
C SER C 136 -23.44 -46.97 12.69
N VAL C 137 -22.55 -46.22 12.05
CA VAL C 137 -22.69 -44.76 12.00
C VAL C 137 -23.77 -44.34 11.01
N GLU C 138 -24.67 -43.46 11.44
CA GLU C 138 -25.76 -43.04 10.58
C GLU C 138 -25.33 -41.99 9.55
N GLN C 139 -24.61 -40.96 9.99
CA GLN C 139 -24.06 -39.95 9.09
C GLN C 139 -22.55 -39.97 9.10
N TRP C 140 -21.94 -40.32 7.97
CA TRP C 140 -20.48 -40.34 7.86
C TRP C 140 -19.89 -38.95 7.81
N GLY C 141 -18.89 -38.68 8.64
CA GLY C 141 -18.14 -37.44 8.58
C GLY C 141 -16.68 -37.68 8.26
N TYR C 142 -15.86 -36.65 8.42
CA TYR C 142 -14.44 -36.70 8.08
C TYR C 142 -13.75 -37.90 8.74
N TYR C 143 -14.03 -38.09 10.02
CA TYR C 143 -13.44 -39.20 10.76
C TYR C 143 -13.66 -40.56 10.10
N GLU C 144 -14.93 -40.89 9.85
CA GLU C 144 -15.28 -42.17 9.25
C GLU C 144 -14.69 -42.34 7.84
N ILE C 145 -14.72 -41.26 7.07
CA ILE C 145 -14.20 -41.30 5.70
C ILE C 145 -12.70 -41.57 5.69
N ILE C 146 -11.98 -40.84 6.53
CA ILE C 146 -10.53 -40.99 6.64
C ILE C 146 -10.14 -42.38 7.16
N LEU C 147 -10.88 -42.88 8.16
CA LEU C 147 -10.66 -44.25 8.65
C LEU C 147 -10.83 -45.26 7.52
N LEU C 148 -11.95 -45.18 6.79
CA LEU C 148 -12.19 -46.12 5.70
C LEU C 148 -11.07 -46.03 4.67
N GLY C 149 -10.75 -44.80 4.24
CA GLY C 149 -9.78 -44.58 3.18
C GLY C 149 -8.44 -45.21 3.52
N ASN C 150 -7.96 -44.92 4.72
CA ASN C 150 -6.64 -45.40 5.09
C ASN C 150 -6.60 -46.89 5.42
N CYS C 151 -7.73 -47.50 5.75
CA CYS C 151 -7.75 -48.93 6.09
C CYS C 151 -8.24 -49.88 4.98
N SER C 152 -8.55 -49.33 3.81
CA SER C 152 -9.21 -50.09 2.76
C SER C 152 -8.41 -51.31 2.27
N ARG C 153 -7.09 -51.23 2.34
CA ARG C 153 -6.27 -52.32 1.84
C ARG C 153 -6.49 -53.60 2.65
N PHE C 154 -7.02 -53.46 3.86
CA PHE C 154 -7.15 -54.60 4.73
C PHE C 154 -8.60 -55.00 4.92
N ILE C 155 -9.49 -54.37 4.15
CA ILE C 155 -10.90 -54.70 4.21
C ILE C 155 -11.29 -55.60 3.02
N ASN C 156 -11.90 -56.75 3.30
CA ASN C 156 -12.26 -57.68 2.23
C ASN C 156 -13.22 -57.00 1.26
N TYR C 157 -13.19 -57.39 -0.01
CA TYR C 157 -13.81 -56.58 -1.04
C TYR C 157 -15.32 -56.41 -0.84
N ASN C 158 -16.02 -57.50 -0.52
CA ASN C 158 -17.46 -57.44 -0.36
C ASN C 158 -17.88 -56.45 0.72
N THR C 159 -17.16 -56.46 1.83
CA THR C 159 -17.40 -55.53 2.92
C THR C 159 -17.06 -54.11 2.52
N LEU C 160 -15.94 -53.93 1.81
CA LEU C 160 -15.52 -52.60 1.35
C LEU C 160 -16.55 -51.99 0.40
N PHE C 161 -17.08 -52.80 -0.49
CA PHE C 161 -18.12 -52.31 -1.38
C PHE C 161 -19.35 -51.88 -0.58
N LEU C 162 -19.78 -52.73 0.35
CA LEU C 162 -20.90 -52.39 1.23
C LEU C 162 -20.68 -51.09 2.01
N LEU C 163 -19.48 -50.92 2.56
CA LEU C 163 -19.11 -49.71 3.28
C LEU C 163 -19.09 -48.48 2.38
N THR C 164 -18.54 -48.67 1.18
CA THR C 164 -18.52 -47.59 0.19
C THR C 164 -19.92 -47.12 -0.12
N LYS C 165 -20.84 -48.07 -0.31
CA LYS C 165 -22.26 -47.76 -0.52
C LYS C 165 -22.83 -46.96 0.65
N GLU C 166 -22.55 -47.42 1.86
CA GLU C 166 -23.03 -46.72 3.05
C GLU C 166 -22.50 -45.30 3.09
N MSE C 167 -21.22 -45.16 2.80
CA MSE C 167 -20.56 -43.86 2.84
C MSE C 167 -21.19 -42.90 1.84
O MSE C 167 -21.57 -41.77 2.18
CB MSE C 167 -19.07 -44.02 2.57
CG MSE C 167 -18.34 -42.71 2.32
SE MSE C 167 -16.45 -42.94 1.87
CE MSE C 167 -16.67 -43.76 0.11
N VAL C 168 -21.30 -43.35 0.60
CA VAL C 168 -21.86 -42.53 -0.46
C VAL C 168 -23.28 -42.06 -0.16
N THR C 169 -24.08 -42.94 0.40
CA THR C 169 -25.48 -42.62 0.62
C THR C 169 -25.73 -41.98 2.00
N SER C 170 -24.71 -41.90 2.84
CA SER C 170 -24.89 -41.37 4.20
C SER C 170 -23.90 -40.28 4.61
N PHE C 171 -23.19 -39.66 3.67
CA PHE C 171 -22.24 -38.64 4.12
C PHE C 171 -22.86 -37.27 3.95
N ALA C 172 -22.31 -36.28 4.64
CA ALA C 172 -22.79 -34.93 4.45
C ALA C 172 -21.63 -33.98 4.19
N TYR C 173 -21.96 -32.86 3.57
CA TYR C 173 -20.97 -31.84 3.26
C TYR C 173 -21.69 -30.52 3.13
N SER C 174 -20.95 -29.43 3.05
CA SER C 174 -21.55 -28.12 2.86
C SER C 174 -21.07 -27.53 1.54
N GLU C 175 -21.72 -26.45 1.12
CA GLU C 175 -21.35 -25.80 -0.12
C GLU C 175 -20.10 -24.94 0.09
N GLN C 176 -19.93 -24.45 1.32
CA GLN C 176 -18.74 -23.68 1.65
C GLN C 176 -17.52 -24.58 1.74
N ASN C 177 -17.72 -25.82 2.20
CA ASN C 177 -16.61 -26.72 2.42
C ASN C 177 -16.86 -28.10 1.81
N LYS C 178 -16.36 -28.34 0.60
CA LYS C 178 -16.58 -29.64 -0.04
C LYS C 178 -15.51 -30.70 0.24
N THR C 179 -14.73 -30.49 1.29
CA THR C 179 -13.67 -31.43 1.66
C THR C 179 -14.18 -32.87 1.69
N ASN C 180 -15.30 -33.10 2.38
CA ASN C 180 -15.78 -34.48 2.54
C ASN C 180 -16.26 -35.08 1.21
N LYS C 181 -16.87 -34.25 0.39
CA LYS C 181 -17.40 -34.73 -0.88
C LYS C 181 -16.26 -35.16 -1.79
N THR C 182 -15.21 -34.37 -1.81
CA THR C 182 -14.02 -34.72 -2.58
C THR C 182 -13.45 -36.07 -2.12
N LEU C 183 -13.32 -36.25 -0.82
CA LEU C 183 -12.80 -37.51 -0.30
C LEU C 183 -13.69 -38.69 -0.68
N VAL C 184 -15.00 -38.51 -0.57
CA VAL C 184 -15.94 -39.59 -0.91
C VAL C 184 -15.79 -39.96 -2.38
N THR C 185 -15.56 -38.95 -3.22
CA THR C 185 -15.37 -39.17 -4.65
C THR C 185 -14.11 -39.98 -4.90
N GLN C 186 -13.03 -39.60 -4.25
CA GLN C 186 -11.76 -40.30 -4.40
C GLN C 186 -11.89 -41.76 -3.96
N LEU C 187 -12.58 -41.98 -2.84
CA LEU C 187 -12.70 -43.33 -2.30
C LEU C 187 -13.68 -44.18 -3.10
N SER C 188 -14.67 -43.56 -3.70
CA SER C 188 -15.57 -44.28 -4.58
C SER C 188 -14.79 -44.77 -5.79
N ILE C 189 -13.91 -43.92 -6.29
CA ILE C 189 -13.05 -44.29 -7.43
C ILE C 189 -12.09 -45.41 -7.00
N ASN C 190 -11.57 -45.31 -5.79
CA ASN C 190 -10.72 -46.37 -5.24
C ASN C 190 -11.43 -47.73 -5.26
N CYS C 191 -12.67 -47.77 -4.78
CA CYS C 191 -13.43 -49.00 -4.78
C CYS C 191 -13.74 -49.46 -6.21
N LEU C 192 -14.01 -48.50 -7.09
CA LEU C 192 -14.31 -48.85 -8.49
C LEU C 192 -13.17 -49.62 -9.14
N ILE C 193 -11.94 -49.17 -8.90
CA ILE C 193 -10.75 -49.84 -9.40
C ILE C 193 -10.72 -51.31 -8.98
N ILE C 194 -11.00 -51.58 -7.71
CA ILE C 194 -10.98 -52.95 -7.23
C ILE C 194 -12.09 -53.75 -7.89
N SER C 195 -13.26 -53.13 -8.02
CA SER C 195 -14.41 -53.76 -8.69
C SER C 195 -14.09 -54.22 -10.10
N ILE C 196 -13.36 -53.39 -10.84
CA ILE C 196 -13.00 -53.73 -12.22
C ILE C 196 -12.06 -54.93 -12.24
N ASP C 197 -11.02 -54.87 -11.42
CA ASP C 197 -10.02 -55.93 -11.36
C ASP C 197 -10.61 -57.31 -11.05
N TYR C 198 -11.64 -57.35 -10.21
CA TYR C 198 -12.23 -58.63 -9.81
C TYR C 198 -13.48 -58.98 -10.61
N SER C 199 -13.76 -58.17 -11.62
CA SER C 199 -14.86 -58.42 -12.55
C SER C 199 -16.22 -58.37 -11.88
N TYR C 200 -16.36 -57.53 -10.87
CA TYR C 200 -17.66 -57.25 -10.27
C TYR C 200 -18.31 -56.10 -11.03
N PHE C 201 -18.86 -56.40 -12.20
CA PHE C 201 -19.26 -55.35 -13.13
C PHE C 201 -20.57 -54.66 -12.72
N ASP C 202 -21.47 -55.37 -12.04
CA ASP C 202 -22.64 -54.71 -11.49
C ASP C 202 -22.23 -53.69 -10.41
N HIS C 203 -21.25 -54.07 -9.58
CA HIS C 203 -20.70 -53.11 -8.61
C HIS C 203 -20.05 -51.94 -9.35
N SER C 204 -19.27 -52.26 -10.39
CA SER C 204 -18.63 -51.23 -11.21
C SER C 204 -19.65 -50.27 -11.77
N HIS C 205 -20.72 -50.83 -12.35
CA HIS C 205 -21.79 -50.03 -12.92
C HIS C 205 -22.37 -49.08 -11.88
N TYR C 206 -22.70 -49.61 -10.71
CA TYR C 206 -23.19 -48.80 -9.59
C TYR C 206 -22.22 -47.67 -9.21
N LEU C 207 -20.94 -48.00 -9.08
CA LEU C 207 -19.98 -46.99 -8.62
C LEU C 207 -19.77 -45.92 -9.68
N ILE C 208 -19.74 -46.33 -10.95
CA ILE C 208 -19.60 -45.36 -12.04
C ILE C 208 -20.70 -44.30 -11.98
N GLU C 209 -21.95 -44.72 -11.76
CA GLU C 209 -23.06 -43.77 -11.71
C GLU C 209 -22.92 -42.84 -10.51
N LYS C 210 -22.55 -43.40 -9.35
CA LYS C 210 -22.32 -42.59 -8.16
C LYS C 210 -21.22 -41.55 -8.39
N ILE C 211 -20.14 -41.98 -9.03
CA ILE C 211 -19.00 -41.09 -9.25
C ILE C 211 -19.38 -39.96 -10.21
N GLU C 212 -20.11 -40.31 -11.25
CA GLU C 212 -20.61 -39.30 -12.17
C GLU C 212 -21.49 -38.28 -11.43
N PHE C 213 -22.39 -38.76 -10.58
CA PHE C 213 -23.21 -37.85 -9.77
C PHE C 213 -22.36 -36.92 -8.89
N LEU C 214 -21.37 -37.48 -8.22
CA LEU C 214 -20.49 -36.70 -7.36
C LEU C 214 -19.65 -35.66 -8.11
N LEU C 215 -19.23 -35.95 -9.34
CA LEU C 215 -18.39 -35.04 -10.12
C LEU C 215 -19.15 -33.87 -10.76
N ARG C 216 -20.46 -34.01 -10.92
CA ARG C 216 -21.31 -32.98 -11.53
C ARG C 216 -21.26 -31.65 -10.80
N ASP C 217 -21.05 -30.57 -11.56
CA ASP C 217 -21.03 -29.22 -11.02
C ASP C 217 -19.85 -28.97 -10.07
N GLU C 218 -18.86 -29.86 -10.12
CA GLU C 218 -17.61 -29.64 -9.39
C GLU C 218 -16.47 -29.46 -10.40
N LEU C 219 -15.37 -28.88 -9.94
CA LEU C 219 -14.15 -28.85 -10.73
C LEU C 219 -13.47 -30.21 -10.58
N ASN C 220 -12.71 -30.37 -9.49
CA ASN C 220 -12.11 -31.67 -9.16
C ASN C 220 -11.43 -32.37 -10.34
N PHE C 221 -10.49 -31.67 -10.98
CA PHE C 221 -9.88 -32.22 -12.19
C PHE C 221 -9.03 -33.47 -11.90
N TYR C 222 -8.46 -33.58 -10.70
CA TYR C 222 -7.68 -34.77 -10.38
C TYR C 222 -8.58 -36.00 -10.44
N GLU C 223 -9.69 -35.92 -9.72
CA GLU C 223 -10.67 -37.00 -9.67
C GLU C 223 -11.18 -37.35 -11.08
N LYS C 224 -11.42 -36.33 -11.89
CA LYS C 224 -11.87 -36.56 -13.26
C LYS C 224 -10.78 -37.24 -14.12
N THR C 225 -9.52 -36.89 -13.88
CA THR C 225 -8.43 -37.47 -14.65
C THR C 225 -8.24 -38.93 -14.27
N VAL C 226 -8.24 -39.22 -12.97
CA VAL C 226 -8.17 -40.61 -12.57
C VAL C 226 -9.39 -41.39 -13.07
N PHE C 227 -10.57 -40.81 -12.93
CA PHE C 227 -11.80 -41.42 -13.43
C PHE C 227 -11.72 -41.68 -14.93
N LEU C 228 -11.16 -40.74 -15.68
CA LEU C 228 -11.00 -40.93 -17.13
C LEU C 228 -10.20 -42.20 -17.42
N TYR C 229 -9.12 -42.40 -16.67
CA TYR C 229 -8.28 -43.57 -16.85
C TYR C 229 -9.00 -44.85 -16.42
N VAL C 230 -9.56 -44.82 -15.22
CA VAL C 230 -10.20 -45.98 -14.63
C VAL C 230 -11.45 -46.42 -15.42
N HIS C 231 -12.27 -45.45 -15.78
CA HIS C 231 -13.46 -45.72 -16.57
C HIS C 231 -13.05 -46.21 -17.96
N GLY C 232 -11.95 -45.66 -18.48
CA GLY C 232 -11.44 -46.08 -19.76
C GLY C 232 -11.05 -47.54 -19.71
N TYR C 233 -10.46 -47.94 -18.58
CA TYR C 233 -10.03 -49.31 -18.36
C TYR C 233 -11.23 -50.27 -18.27
N TYR C 234 -12.26 -49.86 -17.54
CA TYR C 234 -13.53 -50.58 -17.53
C TYR C 234 -14.12 -50.67 -18.94
N LYS C 235 -14.12 -49.55 -19.65
CA LYS C 235 -14.58 -49.51 -21.05
C LYS C 235 -13.80 -50.47 -21.93
N LEU C 236 -12.50 -50.57 -21.70
CA LEU C 236 -11.67 -51.48 -22.48
C LEU C 236 -12.09 -52.91 -22.23
N LYS C 237 -12.25 -53.28 -20.97
CA LYS C 237 -12.62 -54.64 -20.59
C LYS C 237 -14.05 -54.99 -21.00
N GLN C 238 -14.86 -54.00 -21.35
CA GLN C 238 -16.23 -54.29 -21.80
C GLN C 238 -16.34 -54.24 -23.34
N GLY C 239 -15.21 -54.05 -24.01
CA GLY C 239 -15.16 -54.16 -25.47
C GLY C 239 -15.17 -52.86 -26.23
N GLN C 240 -15.16 -51.73 -25.52
CA GLN C 240 -14.99 -50.44 -26.18
C GLN C 240 -13.52 -50.13 -26.30
N VAL C 241 -13.02 -50.17 -27.52
CA VAL C 241 -11.61 -49.90 -27.80
C VAL C 241 -11.26 -48.46 -27.43
N SER C 242 -12.27 -47.59 -27.43
CA SER C 242 -12.08 -46.20 -27.02
C SER C 242 -11.58 -46.04 -25.57
N GLY C 243 -11.68 -47.11 -24.79
CA GLY C 243 -11.21 -47.05 -23.41
C GLY C 243 -9.71 -46.79 -23.38
N LYS C 244 -9.01 -47.36 -24.36
CA LYS C 244 -7.58 -47.21 -24.46
C LYS C 244 -7.19 -45.77 -24.81
N ASP C 245 -7.97 -45.12 -25.67
CA ASP C 245 -7.79 -43.69 -25.93
C ASP C 245 -7.99 -42.85 -24.65
N ASP C 246 -8.98 -43.22 -23.84
CA ASP C 246 -9.23 -42.55 -22.57
C ASP C 246 -8.01 -42.65 -21.65
N MSE C 247 -7.44 -43.84 -21.59
CA MSE C 247 -6.30 -44.07 -20.71
C MSE C 247 -5.08 -43.28 -21.17
O MSE C 247 -4.35 -42.73 -20.35
CB MSE C 247 -5.98 -45.56 -20.63
CG MSE C 247 -6.87 -46.30 -19.64
SE MSE C 247 -6.92 -48.21 -20.00
CE MSE C 247 -5.65 -48.89 -18.72
N ARG C 248 -4.87 -43.20 -22.48
CA ARG C 248 -3.75 -42.44 -23.00
C ARG C 248 -3.93 -40.95 -22.77
N GLN C 249 -5.16 -40.47 -22.91
CA GLN C 249 -5.43 -39.07 -22.61
C GLN C 249 -5.14 -38.76 -21.15
N ALA C 250 -5.58 -39.62 -20.23
CA ALA C 250 -5.33 -39.38 -18.81
C ALA C 250 -3.82 -39.29 -18.57
N LEU C 251 -3.06 -40.20 -19.19
CA LEU C 251 -1.60 -40.17 -19.12
C LEU C 251 -1.04 -38.85 -19.62
N GLN C 252 -1.62 -38.34 -20.71
CA GLN C 252 -1.16 -37.07 -21.26
C GLN C 252 -1.39 -35.94 -20.26
N ILE C 253 -2.50 -36.02 -19.54
CA ILE C 253 -2.83 -34.98 -18.57
C ILE C 253 -1.78 -34.93 -17.46
N PHE C 254 -1.47 -36.09 -16.89
CA PHE C 254 -0.41 -36.19 -15.89
C PHE C 254 0.92 -35.64 -16.42
N LYS C 255 1.25 -36.00 -17.65
CA LYS C 255 2.45 -35.51 -18.30
C LYS C 255 2.42 -33.98 -18.48
N TYR C 256 1.31 -33.44 -18.98
CA TYR C 256 1.25 -32.01 -19.21
C TYR C 256 1.36 -31.18 -17.91
N LEU C 257 0.80 -31.70 -16.83
CA LEU C 257 0.79 -30.96 -15.56
C LEU C 257 2.08 -31.20 -14.75
N GLY C 258 2.97 -32.04 -15.28
CA GLY C 258 4.23 -32.32 -14.60
C GLY C 258 4.08 -33.19 -13.35
N GLU C 259 3.06 -34.03 -13.37
CA GLU C 259 2.78 -34.91 -12.24
C GLU C 259 3.58 -36.21 -12.43
N ASP C 260 4.88 -36.13 -12.12
CA ASP C 260 5.81 -37.21 -12.42
C ASP C 260 5.43 -38.54 -11.79
N ALA C 261 5.04 -38.55 -10.52
CA ALA C 261 4.79 -39.83 -9.84
C ALA C 261 3.51 -40.48 -10.35
N LEU C 262 2.46 -39.68 -10.55
CA LEU C 262 1.22 -40.19 -11.09
C LEU C 262 1.42 -40.76 -12.50
N TYR C 263 2.12 -39.99 -13.34
CA TYR C 263 2.44 -40.44 -14.69
C TYR C 263 3.19 -41.77 -14.68
N TYR C 264 4.24 -41.87 -13.86
CA TYR C 264 4.99 -43.11 -13.81
C TYR C 264 4.08 -44.29 -13.47
N SER C 265 3.28 -44.14 -12.43
CA SER C 265 2.47 -45.26 -11.95
C SER C 265 1.37 -45.68 -12.93
N TYR C 266 0.71 -44.70 -13.53
CA TYR C 266 -0.33 -45.07 -14.48
C TYR C 266 0.25 -45.59 -15.78
N LYS C 267 1.37 -45.01 -16.22
CA LYS C 267 2.05 -45.53 -17.41
C LYS C 267 2.50 -46.97 -17.19
N GLU C 268 2.92 -47.27 -15.96
CA GLU C 268 3.34 -48.62 -15.58
C GLU C 268 2.20 -49.59 -15.77
N HIS C 269 1.06 -49.24 -15.19
CA HIS C 269 -0.18 -50.00 -15.29
C HIS C 269 -0.61 -50.15 -16.74
N TYR C 270 -0.41 -49.09 -17.51
CA TYR C 270 -0.83 -49.10 -18.91
C TYR C 270 -0.01 -50.08 -19.76
N ARG C 271 1.32 -49.91 -19.73
CA ARG C 271 2.22 -50.80 -20.45
C ARG C 271 1.96 -52.24 -20.03
N LYS C 272 1.72 -52.42 -18.73
CA LYS C 272 1.33 -53.70 -18.15
C LYS C 272 0.10 -54.32 -18.82
N GLU C 273 -1.05 -53.72 -18.55
CA GLU C 273 -2.34 -54.31 -18.85
C GLU C 273 -2.81 -54.12 -20.29
N VAL C 274 -2.15 -53.23 -21.03
CA VAL C 274 -2.58 -52.93 -22.39
C VAL C 274 -1.45 -53.21 -23.39
N GLU D 4 -31.23 -26.17 19.46
CA GLU D 4 -30.80 -25.94 18.08
C GLU D 4 -29.45 -26.60 17.83
N LEU D 5 -28.39 -26.04 18.41
CA LEU D 5 -27.13 -26.77 18.46
C LEU D 5 -27.32 -28.02 19.32
N GLY D 6 -28.16 -27.91 20.34
CA GLY D 6 -28.35 -29.04 21.24
C GLY D 6 -29.02 -30.20 20.53
N LYS D 7 -30.05 -29.91 19.74
CA LYS D 7 -30.74 -30.95 18.99
C LYS D 7 -29.79 -31.59 17.94
N THR D 8 -28.94 -30.77 17.34
CA THR D 8 -27.98 -31.29 16.38
C THR D 8 -26.99 -32.24 17.08
N LEU D 9 -26.55 -31.84 18.26
CA LEU D 9 -25.61 -32.67 19.03
C LEU D 9 -26.21 -34.04 19.31
N ARG D 10 -27.43 -34.04 19.83
CA ARG D 10 -28.12 -35.28 20.14
C ARG D 10 -28.25 -36.18 18.91
N ARG D 11 -28.65 -35.60 17.79
CA ARG D 11 -28.84 -36.41 16.60
C ARG D 11 -27.50 -36.99 16.16
N LEU D 12 -26.46 -36.17 16.15
CA LEU D 12 -25.14 -36.66 15.74
C LEU D 12 -24.60 -37.70 16.72
N ARG D 13 -24.81 -37.47 18.02
CA ARG D 13 -24.32 -38.42 19.04
C ARG D 13 -25.05 -39.76 18.97
N GLN D 14 -26.38 -39.73 18.91
CA GLN D 14 -27.14 -40.96 18.75
C GLN D 14 -26.77 -41.66 17.44
N GLY D 15 -26.50 -40.86 16.40
CA GLY D 15 -26.12 -41.40 15.10
C GLY D 15 -24.84 -42.22 15.11
N LYS D 16 -23.94 -41.88 16.02
CA LYS D 16 -22.69 -42.64 16.18
C LYS D 16 -22.81 -43.67 17.29
N GLN D 17 -24.03 -43.87 17.79
CA GLN D 17 -24.34 -44.85 18.83
C GLN D 17 -23.54 -44.61 20.11
N VAL D 18 -23.31 -43.35 20.42
CA VAL D 18 -22.49 -42.99 21.60
C VAL D 18 -23.37 -42.61 22.78
N SER D 19 -23.03 -43.10 23.98
CA SER D 19 -23.81 -42.79 25.17
C SER D 19 -23.46 -41.41 25.71
N ILE D 20 -24.45 -40.78 26.31
CA ILE D 20 -24.20 -39.58 27.07
C ILE D 20 -23.15 -39.83 28.18
N SER D 21 -23.26 -40.96 28.85
CA SER D 21 -22.32 -41.30 29.91
C SER D 21 -20.86 -41.27 29.44
N SER D 22 -20.61 -41.75 28.23
CA SER D 22 -19.24 -41.84 27.71
C SER D 22 -18.67 -40.45 27.45
N LEU D 23 -19.56 -39.46 27.27
CA LEU D 23 -19.15 -38.09 27.00
C LEU D 23 -18.91 -37.22 28.22
N ALA D 24 -19.47 -37.62 29.35
CA ALA D 24 -19.37 -36.86 30.58
C ALA D 24 -17.94 -36.89 31.16
N ASP D 25 -17.51 -35.80 31.77
CA ASP D 25 -16.23 -35.78 32.46
C ASP D 25 -16.27 -34.69 33.52
N GLU D 26 -15.11 -34.25 33.96
CA GLU D 26 -15.03 -33.16 34.94
C GLU D 26 -15.65 -31.85 34.42
N HIS D 27 -15.77 -31.70 33.10
CA HIS D 27 -16.19 -30.41 32.56
C HIS D 27 -17.71 -30.32 32.36
N LEU D 28 -18.33 -31.47 32.13
CA LEU D 28 -19.77 -31.52 31.93
C LEU D 28 -20.31 -32.85 32.42
N SER D 29 -21.32 -32.78 33.27
CA SER D 29 -22.03 -33.96 33.71
C SER D 29 -22.94 -34.49 32.62
N LYS D 30 -23.38 -35.73 32.82
CA LYS D 30 -24.44 -36.34 31.99
C LYS D 30 -25.66 -35.44 31.94
N SER D 31 -26.03 -34.92 33.11
CA SER D 31 -27.20 -34.05 33.20
C SER D 31 -27.03 -32.76 32.41
N GLN D 32 -25.85 -32.16 32.48
CA GLN D 32 -25.60 -30.93 31.74
C GLN D 32 -25.65 -31.19 30.24
N ILE D 33 -25.19 -32.37 29.83
CA ILE D 33 -25.20 -32.70 28.41
C ILE D 33 -26.64 -32.91 27.96
N SER D 34 -27.43 -33.61 28.77
CA SER D 34 -28.85 -33.80 28.44
C SER D 34 -29.63 -32.49 28.41
N ARG D 35 -29.45 -31.63 29.43
CA ARG D 35 -30.19 -30.38 29.46
C ARG D 35 -29.84 -29.56 28.20
N PHE D 36 -28.57 -29.61 27.82
CA PHE D 36 -28.13 -28.94 26.61
C PHE D 36 -28.80 -29.50 25.35
N GLU D 37 -28.76 -30.82 25.19
CA GLU D 37 -29.46 -31.47 24.07
C GLU D 37 -30.94 -31.12 24.00
N ARG D 38 -31.59 -31.00 25.16
CA ARG D 38 -33.01 -30.70 25.21
C ARG D 38 -33.32 -29.21 25.04
N GLY D 39 -32.30 -28.38 24.87
CA GLY D 39 -32.51 -26.96 24.65
C GLY D 39 -32.90 -26.22 25.90
N GLU D 40 -32.59 -26.80 27.06
CA GLU D 40 -32.99 -26.20 28.32
C GLU D 40 -31.89 -25.34 28.87
N SER D 41 -30.70 -25.49 28.33
CA SER D 41 -29.54 -24.76 28.80
C SER D 41 -28.50 -24.59 27.71
N GLU D 42 -27.70 -23.54 27.82
CA GLU D 42 -26.58 -23.35 26.92
C GLU D 42 -25.31 -23.86 27.61
N ILE D 43 -24.33 -24.27 26.82
CA ILE D 43 -23.04 -24.59 27.36
C ILE D 43 -22.02 -23.73 26.63
N SER D 44 -20.93 -23.38 27.31
CA SER D 44 -19.88 -22.59 26.68
C SER D 44 -19.37 -23.29 25.43
N CYS D 45 -18.81 -22.50 24.54
CA CYS D 45 -18.32 -23.00 23.29
C CYS D 45 -17.16 -23.97 23.54
N SER D 46 -16.35 -23.64 24.53
CA SER D 46 -15.24 -24.47 24.92
C SER D 46 -15.72 -25.88 25.29
N ARG D 47 -16.80 -25.96 26.06
CA ARG D 47 -17.30 -27.26 26.48
C ARG D 47 -17.97 -28.03 25.34
N LEU D 48 -18.64 -27.31 24.46
CA LEU D 48 -19.17 -27.97 23.27
C LEU D 48 -18.04 -28.52 22.40
N LEU D 49 -16.95 -27.77 22.23
CA LEU D 49 -15.85 -28.26 21.40
C LEU D 49 -15.28 -29.55 21.98
N ASN D 50 -15.22 -29.62 23.30
CA ASN D 50 -14.73 -30.83 24.01
C ASN D 50 -15.64 -32.02 23.71
N LEU D 51 -16.97 -31.83 23.72
CA LEU D 51 -17.88 -32.91 23.32
C LEU D 51 -17.66 -33.33 21.87
N LEU D 52 -17.53 -32.36 20.98
CA LEU D 52 -17.37 -32.70 19.56
C LEU D 52 -16.07 -33.45 19.32
N ASP D 53 -15.05 -33.07 20.07
CA ASP D 53 -13.73 -33.69 19.96
C ASP D 53 -13.85 -35.17 20.29
N LYS D 54 -14.56 -35.45 21.37
CA LYS D 54 -14.81 -36.83 21.78
C LYS D 54 -15.62 -37.61 20.76
N LEU D 55 -16.50 -36.92 20.05
CA LEU D 55 -17.30 -37.52 19.01
C LEU D 55 -16.55 -37.55 17.67
N ASN D 56 -15.37 -36.95 17.65
CA ASN D 56 -14.57 -36.82 16.41
C ASN D 56 -15.33 -36.14 15.29
N ILE D 57 -16.11 -35.13 15.65
CA ILE D 57 -16.89 -34.32 14.71
C ILE D 57 -16.26 -32.94 14.72
N THR D 58 -15.96 -32.40 13.54
CA THR D 58 -15.34 -31.09 13.46
C THR D 58 -16.41 -30.01 13.72
N ILE D 59 -16.01 -28.88 14.29
CA ILE D 59 -16.94 -27.78 14.52
C ILE D 59 -17.49 -27.25 13.18
N ASP D 60 -16.73 -27.31 12.09
CA ASP D 60 -17.26 -26.90 10.78
C ASP D 60 -18.34 -27.89 10.35
N GLU D 61 -18.08 -29.19 10.51
CA GLU D 61 -19.08 -30.22 10.22
C GLU D 61 -20.32 -30.00 11.05
N PHE D 62 -20.11 -29.78 12.34
CA PHE D 62 -21.21 -29.64 13.25
C PHE D 62 -22.06 -28.43 12.86
N VAL D 63 -21.41 -27.30 12.67
CA VAL D 63 -22.12 -26.04 12.42
C VAL D 63 -22.55 -25.91 10.98
N SER D 64 -21.57 -25.78 10.10
CA SER D 64 -21.83 -25.44 8.70
C SER D 64 -22.68 -26.50 8.02
N THR D 65 -22.35 -27.75 8.27
CA THR D 65 -23.03 -28.86 7.61
C THR D 65 -24.35 -29.23 8.31
N HIS D 66 -24.24 -29.69 9.55
CA HIS D 66 -25.35 -30.40 10.20
C HIS D 66 -26.37 -29.53 10.95
N SER D 67 -25.92 -28.46 11.60
CA SER D 67 -26.82 -27.65 12.41
C SER D 67 -27.70 -26.72 11.57
N THR D 71 -25.15 -18.13 8.25
CA THR D 71 -24.17 -17.06 8.03
C THR D 71 -24.69 -15.98 7.08
N HIS D 72 -24.61 -14.72 7.51
CA HIS D 72 -25.10 -13.59 6.72
C HIS D 72 -24.44 -13.56 5.36
N PHE D 73 -23.11 -13.69 5.34
CA PHE D 73 -22.40 -13.58 4.07
C PHE D 73 -22.69 -14.79 3.17
N PHE D 74 -22.68 -16.01 3.69
CA PHE D 74 -22.96 -17.11 2.77
C PHE D 74 -24.42 -17.15 2.31
N THR D 75 -25.36 -16.66 3.13
CA THR D 75 -26.76 -16.56 2.74
C THR D 75 -26.89 -15.62 1.54
N LEU D 76 -26.22 -14.47 1.63
CA LEU D 76 -26.10 -13.53 0.51
C LEU D 76 -25.54 -14.18 -0.76
N LEU D 77 -24.38 -14.82 -0.63
CA LEU D 77 -23.74 -15.48 -1.77
C LEU D 77 -24.63 -16.52 -2.45
N SER D 78 -25.31 -17.34 -1.65
CA SER D 78 -26.24 -18.33 -2.19
C SER D 78 -27.36 -17.68 -3.02
N ARG D 79 -27.92 -16.59 -2.50
CA ARG D 79 -28.99 -15.88 -3.22
C ARG D 79 -28.46 -15.23 -4.49
N VAL D 80 -27.29 -14.61 -4.39
CA VAL D 80 -26.68 -14.00 -5.57
C VAL D 80 -26.42 -15.06 -6.63
N ARG D 81 -25.84 -16.19 -6.21
CA ARG D 81 -25.49 -17.23 -7.16
C ARG D 81 -26.75 -17.77 -7.86
N LYS D 82 -27.87 -17.83 -7.14
CA LYS D 82 -29.08 -18.38 -7.72
C LYS D 82 -29.61 -17.46 -8.83
N TYR D 83 -29.67 -16.18 -8.52
CA TYR D 83 -30.18 -15.19 -9.47
C TYR D 83 -29.21 -14.98 -10.62
N TYR D 84 -27.91 -14.98 -10.32
CA TYR D 84 -26.90 -14.79 -11.35
C TYR D 84 -26.96 -15.88 -12.40
N ALA D 85 -27.14 -17.12 -11.95
CA ALA D 85 -27.26 -18.27 -12.82
C ALA D 85 -28.44 -18.12 -13.80
N GLU D 86 -29.56 -17.62 -13.29
CA GLU D 86 -30.74 -17.35 -14.10
C GLU D 86 -30.59 -16.08 -14.93
N LYS D 87 -29.53 -15.33 -14.66
CA LYS D 87 -29.36 -13.96 -15.16
C LYS D 87 -30.60 -13.13 -14.90
N ASN D 88 -31.11 -13.20 -13.67
CA ASN D 88 -32.34 -12.50 -13.34
C ASN D 88 -32.04 -11.14 -12.74
N VAL D 89 -32.01 -10.13 -13.60
CA VAL D 89 -31.67 -8.77 -13.23
C VAL D 89 -32.64 -8.22 -12.17
N ALA D 90 -33.94 -8.44 -12.39
CA ALA D 90 -34.95 -7.96 -11.46
C ALA D 90 -34.72 -8.47 -10.03
N LYS D 91 -34.47 -9.77 -9.87
CA LYS D 91 -34.30 -10.30 -8.52
C LYS D 91 -32.96 -9.90 -7.91
N LEU D 92 -31.93 -9.70 -8.73
CA LEU D 92 -30.65 -9.22 -8.22
C LEU D 92 -30.74 -7.77 -7.76
N LEU D 93 -31.55 -6.98 -8.46
CA LEU D 93 -31.75 -5.59 -8.11
C LEU D 93 -32.58 -5.48 -6.83
N LYS D 94 -33.49 -6.43 -6.62
CA LYS D 94 -34.28 -6.47 -5.39
C LYS D 94 -33.38 -6.89 -4.22
N LEU D 95 -32.41 -7.75 -4.53
CA LEU D 95 -31.45 -8.21 -3.55
C LEU D 95 -30.58 -7.03 -3.14
N LEU D 96 -30.16 -6.26 -4.14
CA LEU D 96 -29.38 -5.04 -3.93
C LEU D 96 -30.10 -4.09 -2.99
N GLU D 97 -31.39 -3.90 -3.24
CA GLU D 97 -32.21 -3.07 -2.36
C GLU D 97 -32.23 -3.64 -0.93
N ASP D 98 -32.38 -4.95 -0.82
CA ASP D 98 -32.42 -5.62 0.50
C ASP D 98 -31.13 -5.43 1.29
N TYR D 99 -30.00 -5.32 0.60
CA TYR D 99 -28.72 -5.19 1.30
C TYR D 99 -28.12 -3.78 1.25
N ALA D 100 -28.94 -2.78 0.95
CA ALA D 100 -28.46 -1.41 0.77
C ALA D 100 -27.78 -0.83 2.02
N HIS D 101 -28.19 -1.31 3.19
CA HIS D 101 -27.65 -0.83 4.46
C HIS D 101 -26.31 -1.51 4.77
N LYS D 102 -25.88 -2.42 3.92
CA LYS D 102 -24.60 -3.12 4.09
C LYS D 102 -23.64 -2.67 2.99
N ASP D 103 -22.68 -1.81 3.35
CA ASP D 103 -21.88 -1.15 2.33
C ASP D 103 -21.08 -2.11 1.42
N TYR D 104 -20.19 -2.93 2.00
CA TYR D 104 -19.32 -3.75 1.16
C TYR D 104 -20.14 -4.75 0.37
N GLU D 105 -21.15 -5.31 1.01
CA GLU D 105 -22.00 -6.29 0.37
C GLU D 105 -22.75 -5.69 -0.84
N SER D 106 -23.32 -4.52 -0.65
CA SER D 106 -24.08 -3.90 -1.74
C SER D 106 -23.11 -3.46 -2.84
N THR D 107 -21.90 -3.03 -2.48
CA THR D 107 -20.88 -2.77 -3.50
C THR D 107 -20.59 -4.02 -4.35
N MSE D 108 -20.43 -5.16 -3.68
CA MSE D 108 -20.17 -6.41 -4.39
C MSE D 108 -21.33 -6.86 -5.31
O MSE D 108 -21.09 -7.33 -6.43
CB MSE D 108 -19.87 -7.54 -3.39
CG MSE D 108 -19.52 -8.83 -4.05
SE MSE D 108 -19.39 -10.28 -2.72
CE MSE D 108 -21.30 -10.51 -2.47
N ILE D 109 -22.57 -6.73 -4.83
CA ILE D 109 -23.73 -7.03 -5.67
C ILE D 109 -23.74 -6.17 -6.95
N LYS D 110 -23.45 -4.87 -6.82
CA LYS D 110 -23.42 -3.99 -7.99
C LYS D 110 -22.35 -4.43 -8.98
N ALA D 111 -21.20 -4.80 -8.45
CA ALA D 111 -20.09 -5.27 -9.25
C ALA D 111 -20.46 -6.54 -10.02
N ILE D 112 -21.10 -7.48 -9.32
CA ILE D 112 -21.53 -8.73 -9.96
C ILE D 112 -22.63 -8.45 -11.01
N LEU D 113 -23.62 -7.65 -10.60
CA LEU D 113 -24.72 -7.28 -11.49
C LEU D 113 -24.21 -6.64 -12.78
N SER D 114 -23.11 -5.90 -12.66
CA SER D 114 -22.55 -5.18 -13.80
C SER D 114 -22.25 -6.11 -14.97
N SER D 115 -21.86 -7.35 -14.67
CA SER D 115 -21.41 -8.27 -15.72
C SER D 115 -22.58 -8.77 -16.58
N ILE D 116 -23.81 -8.51 -16.15
CA ILE D 116 -24.96 -8.85 -16.98
C ILE D 116 -25.91 -7.66 -17.18
N GLU D 117 -25.62 -6.55 -16.51
CA GLU D 117 -26.44 -5.34 -16.64
C GLU D 117 -25.54 -4.11 -16.48
N PRO D 118 -24.81 -3.75 -17.55
CA PRO D 118 -23.76 -2.72 -17.59
C PRO D 118 -24.18 -1.35 -17.05
N THR D 119 -25.47 -1.06 -17.04
CA THR D 119 -25.99 0.17 -16.46
C THR D 119 -25.64 0.27 -14.97
N VAL D 120 -25.63 -0.87 -14.29
CA VAL D 120 -25.36 -0.87 -12.88
C VAL D 120 -23.87 -1.01 -12.62
N GLU D 121 -23.31 -0.12 -11.79
CA GLU D 121 -21.90 -0.21 -11.38
C GLU D 121 -21.73 0.36 -9.99
N PRO D 122 -20.77 -0.16 -9.22
CA PRO D 122 -20.42 0.55 -7.99
C PRO D 122 -19.73 1.87 -8.32
N SER D 123 -19.91 2.89 -7.47
CA SER D 123 -19.24 4.17 -7.66
C SER D 123 -17.77 4.09 -7.25
N GLU D 124 -16.99 5.10 -7.62
CA GLU D 124 -15.56 5.13 -7.25
C GLU D 124 -15.42 5.25 -5.73
N GLU D 125 -16.29 6.04 -5.11
CA GLU D 125 -16.33 6.18 -3.65
C GLU D 125 -16.68 4.85 -2.98
N GLU D 126 -17.66 4.11 -3.51
CA GLU D 126 -17.94 2.77 -3.00
C GLU D 126 -16.75 1.84 -3.11
N VAL D 127 -16.05 1.88 -4.24
CA VAL D 127 -14.92 0.97 -4.43
C VAL D 127 -13.77 1.36 -3.49
N THR D 128 -13.53 2.66 -3.36
CA THR D 128 -12.45 3.15 -2.49
C THR D 128 -12.69 2.76 -1.02
N ARG D 129 -13.93 2.83 -0.57
CA ARG D 129 -14.24 2.38 0.79
C ARG D 129 -13.97 0.88 0.93
N LEU D 130 -14.31 0.09 -0.09
CA LEU D 130 -14.00 -1.34 -0.08
C LEU D 130 -12.49 -1.61 -0.12
N THR D 131 -11.77 -0.96 -1.03
CA THR D 131 -10.34 -1.21 -1.11
C THR D 131 -9.59 -0.69 0.13
N ASP D 132 -10.08 0.41 0.73
CA ASP D 132 -9.48 0.86 1.99
C ASP D 132 -9.67 -0.21 3.08
N TYR D 133 -10.86 -0.77 3.16
CA TYR D 133 -11.14 -1.86 4.10
C TYR D 133 -10.21 -3.05 3.88
N LEU D 134 -10.06 -3.47 2.63
CA LEU D 134 -9.24 -4.61 2.30
C LEU D 134 -7.77 -4.38 2.64
N PHE D 135 -7.27 -3.16 2.44
CA PHE D 135 -5.90 -2.83 2.83
C PHE D 135 -5.73 -2.89 4.36
N SER D 136 -6.82 -2.70 5.08
CA SER D 136 -6.73 -2.52 6.53
C SER D 136 -6.79 -3.82 7.31
N VAL D 137 -7.24 -4.90 6.68
CA VAL D 137 -7.36 -6.16 7.41
C VAL D 137 -6.01 -6.85 7.58
N GLU D 138 -5.78 -7.31 8.79
CA GLU D 138 -4.53 -7.97 9.11
C GLU D 138 -4.53 -9.40 8.60
N GLN D 139 -5.70 -10.04 8.63
CA GLN D 139 -5.78 -11.42 8.14
C GLN D 139 -6.97 -11.59 7.20
N TRP D 140 -6.69 -12.05 5.99
CA TRP D 140 -7.72 -12.23 4.97
C TRP D 140 -8.45 -13.55 5.13
N GLY D 141 -9.77 -13.47 5.28
CA GLY D 141 -10.58 -14.67 5.36
C GLY D 141 -11.46 -14.74 4.13
N TYR D 142 -12.36 -15.71 4.13
CA TYR D 142 -13.30 -15.95 3.03
C TYR D 142 -13.97 -14.66 2.57
N TYR D 143 -14.47 -13.90 3.54
CA TYR D 143 -15.12 -12.62 3.28
C TYR D 143 -14.27 -11.68 2.40
N GLU D 144 -13.06 -11.37 2.85
CA GLU D 144 -12.18 -10.44 2.14
C GLU D 144 -11.81 -10.98 0.75
N ILE D 145 -11.59 -12.28 0.66
CA ILE D 145 -11.16 -12.91 -0.58
C ILE D 145 -12.27 -12.85 -1.63
N ILE D 146 -13.49 -13.18 -1.22
CA ILE D 146 -14.64 -13.14 -2.13
C ILE D 146 -14.96 -11.70 -2.55
N LEU D 147 -14.87 -10.75 -1.62
CA LEU D 147 -15.08 -9.34 -1.96
C LEU D 147 -14.10 -8.86 -3.05
N LEU D 148 -12.81 -9.11 -2.84
CA LEU D 148 -11.81 -8.76 -3.86
C LEU D 148 -12.12 -9.42 -5.20
N GLY D 149 -12.34 -10.74 -5.18
CA GLY D 149 -12.57 -11.49 -6.40
C GLY D 149 -13.74 -10.92 -7.21
N ASN D 150 -14.86 -10.72 -6.53
CA ASN D 150 -16.06 -10.26 -7.21
C ASN D 150 -16.06 -8.78 -7.59
N CYS D 151 -15.20 -7.98 -6.96
CA CYS D 151 -15.15 -6.54 -7.24
C CYS D 151 -13.96 -6.14 -8.13
N SER D 152 -13.16 -7.13 -8.54
CA SER D 152 -11.89 -6.84 -9.22
C SER D 152 -12.02 -6.07 -10.55
N ARG D 153 -13.11 -6.29 -11.29
CA ARG D 153 -13.29 -5.55 -12.55
C ARG D 153 -13.44 -4.03 -12.36
N PHE D 154 -13.65 -3.59 -11.11
CA PHE D 154 -13.79 -2.17 -10.84
C PHE D 154 -12.64 -1.57 -10.01
N ILE D 155 -11.62 -2.37 -9.77
CA ILE D 155 -10.45 -1.90 -9.05
C ILE D 155 -9.32 -1.60 -10.01
N ASN D 156 -8.76 -0.40 -9.93
CA ASN D 156 -7.70 -0.02 -10.87
C ASN D 156 -6.54 -0.99 -10.69
N TYR D 157 -5.80 -1.25 -11.77
CA TYR D 157 -4.86 -2.37 -11.75
C TYR D 157 -3.81 -2.25 -10.64
N ASN D 158 -3.25 -1.05 -10.49
CA ASN D 158 -2.23 -0.79 -9.47
C ASN D 158 -2.68 -1.21 -8.05
N THR D 159 -3.90 -0.83 -7.70
CA THR D 159 -4.50 -1.19 -6.42
C THR D 159 -4.83 -2.68 -6.38
N LEU D 160 -5.33 -3.22 -7.49
CA LEU D 160 -5.65 -4.64 -7.56
C LEU D 160 -4.41 -5.50 -7.30
N PHE D 161 -3.28 -5.12 -7.87
CA PHE D 161 -2.05 -5.89 -7.68
C PHE D 161 -1.62 -5.84 -6.22
N LEU D 162 -1.61 -4.64 -5.64
CA LEU D 162 -1.16 -4.47 -4.27
C LEU D 162 -2.08 -5.21 -3.30
N LEU D 163 -3.38 -5.25 -3.61
CA LEU D 163 -4.32 -6.02 -2.81
C LEU D 163 -4.08 -7.52 -2.94
N THR D 164 -3.78 -7.96 -4.16
CA THR D 164 -3.46 -9.37 -4.41
C THR D 164 -2.21 -9.82 -3.60
N LYS D 165 -1.24 -8.92 -3.47
CA LYS D 165 -0.05 -9.21 -2.66
C LYS D 165 -0.40 -9.35 -1.19
N GLU D 166 -1.30 -8.49 -0.70
CA GLU D 166 -1.69 -8.50 0.71
C GLU D 166 -2.43 -9.78 1.00
N MSE D 167 -3.31 -10.14 0.07
CA MSE D 167 -4.07 -11.37 0.19
C MSE D 167 -3.17 -12.61 0.25
O MSE D 167 -3.32 -13.45 1.14
CB MSE D 167 -5.03 -11.50 -0.98
CG MSE D 167 -5.69 -12.86 -1.04
SE MSE D 167 -6.90 -13.00 -2.53
CE MSE D 167 -5.58 -13.17 -3.98
N VAL D 168 -2.24 -12.70 -0.70
CA VAL D 168 -1.37 -13.87 -0.81
C VAL D 168 -0.47 -14.02 0.40
N THR D 169 -0.05 -12.90 0.98
CA THR D 169 0.87 -12.97 2.10
C THR D 169 0.16 -13.01 3.46
N SER D 170 -1.15 -12.80 3.52
CA SER D 170 -1.78 -12.76 4.83
C SER D 170 -3.13 -13.46 4.95
N PHE D 171 -3.34 -14.54 4.18
CA PHE D 171 -4.60 -15.27 4.28
C PHE D 171 -4.39 -16.44 5.24
N ALA D 172 -5.48 -16.96 5.79
CA ALA D 172 -5.38 -18.12 6.66
C ALA D 172 -6.17 -19.30 6.11
N TYR D 173 -5.55 -20.47 6.16
CA TYR D 173 -6.25 -21.68 5.81
C TYR D 173 -5.82 -22.75 6.80
N SER D 174 -6.65 -23.76 7.00
CA SER D 174 -6.25 -24.90 7.82
C SER D 174 -5.80 -26.02 6.90
N GLU D 175 -4.88 -26.83 7.40
CA GLU D 175 -4.43 -28.04 6.73
C GLU D 175 -5.61 -28.94 6.38
N GLN D 176 -6.69 -28.83 7.16
CA GLN D 176 -7.90 -29.62 6.94
C GLN D 176 -8.99 -28.98 6.07
N ASN D 177 -8.93 -27.66 5.86
CA ASN D 177 -9.89 -27.00 4.98
C ASN D 177 -9.16 -25.98 4.10
N LYS D 178 -8.88 -26.38 2.86
CA LYS D 178 -8.05 -25.56 2.00
C LYS D 178 -8.90 -24.64 1.11
N THR D 179 -10.17 -24.46 1.47
CA THR D 179 -11.07 -23.62 0.69
C THR D 179 -10.50 -22.22 0.41
N ASN D 180 -9.99 -21.54 1.43
CA ASN D 180 -9.40 -20.23 1.21
C ASN D 180 -8.12 -20.30 0.36
N LYS D 181 -7.33 -21.35 0.53
CA LYS D 181 -6.09 -21.47 -0.22
C LYS D 181 -6.38 -21.60 -1.72
N THR D 182 -7.38 -22.40 -2.04
CA THR D 182 -7.80 -22.60 -3.42
C THR D 182 -8.35 -21.29 -4.04
N LEU D 183 -9.15 -20.54 -3.28
CA LEU D 183 -9.65 -19.24 -3.77
C LEU D 183 -8.49 -18.29 -4.05
N VAL D 184 -7.54 -18.24 -3.13
CA VAL D 184 -6.39 -17.35 -3.29
C VAL D 184 -5.55 -17.74 -4.50
N THR D 185 -5.42 -19.05 -4.73
CA THR D 185 -4.71 -19.52 -5.92
C THR D 185 -5.41 -18.99 -7.18
N GLN D 186 -6.74 -19.15 -7.24
CA GLN D 186 -7.49 -18.72 -8.41
C GLN D 186 -7.45 -17.21 -8.62
N LEU D 187 -7.50 -16.42 -7.55
CA LEU D 187 -7.46 -14.97 -7.75
C LEU D 187 -6.02 -14.50 -8.04
N SER D 188 -5.02 -15.27 -7.64
CA SER D 188 -3.64 -14.94 -8.00
C SER D 188 -3.44 -15.12 -9.49
N ILE D 189 -3.99 -16.21 -10.00
CA ILE D 189 -4.03 -16.48 -11.43
C ILE D 189 -4.84 -15.37 -12.12
N ASN D 190 -5.97 -14.96 -11.56
CA ASN D 190 -6.76 -13.88 -12.17
C ASN D 190 -5.90 -12.63 -12.35
N CYS D 191 -5.14 -12.27 -11.31
CA CYS D 191 -4.29 -11.08 -11.37
C CYS D 191 -3.21 -11.28 -12.43
N LEU D 192 -2.66 -12.49 -12.52
CA LEU D 192 -1.64 -12.80 -13.52
C LEU D 192 -2.16 -12.56 -14.94
N ILE D 193 -3.36 -13.06 -15.23
CA ILE D 193 -3.99 -12.81 -16.54
C ILE D 193 -4.07 -11.32 -16.81
N ILE D 194 -4.61 -10.58 -15.85
CA ILE D 194 -4.79 -9.14 -16.04
C ILE D 194 -3.47 -8.42 -16.27
N SER D 195 -2.44 -8.79 -15.51
CA SER D 195 -1.11 -8.19 -15.67
C SER D 195 -0.52 -8.44 -17.06
N ILE D 196 -0.73 -9.65 -17.58
CA ILE D 196 -0.25 -9.97 -18.92
C ILE D 196 -0.96 -9.15 -19.97
N ASP D 197 -2.28 -8.99 -19.82
CA ASP D 197 -3.08 -8.15 -20.70
C ASP D 197 -2.54 -6.72 -20.73
N TYR D 198 -2.26 -6.16 -19.55
CA TYR D 198 -1.74 -4.80 -19.45
C TYR D 198 -0.28 -4.73 -19.88
N SER D 199 0.31 -5.89 -20.19
CA SER D 199 1.72 -6.00 -20.57
C SER D 199 2.66 -5.51 -19.47
N TYR D 200 2.59 -6.15 -18.31
CA TYR D 200 3.48 -5.87 -17.16
C TYR D 200 4.16 -7.15 -16.71
N PHE D 201 5.40 -7.34 -17.11
CA PHE D 201 5.99 -8.66 -17.08
C PHE D 201 6.78 -8.95 -15.81
N ASP D 202 7.21 -7.91 -15.09
CA ASP D 202 7.83 -8.10 -13.79
C ASP D 202 6.80 -8.60 -12.76
N HIS D 203 5.58 -8.05 -12.83
CA HIS D 203 4.49 -8.51 -11.98
C HIS D 203 4.18 -9.97 -12.24
N SER D 204 4.15 -10.33 -13.52
CA SER D 204 3.79 -11.68 -13.91
C SER D 204 4.77 -12.64 -13.26
N HIS D 205 6.04 -12.24 -13.22
CA HIS D 205 7.10 -13.02 -12.59
C HIS D 205 6.83 -13.24 -11.11
N TYR D 206 6.54 -12.17 -10.37
CA TYR D 206 6.23 -12.26 -8.95
C TYR D 206 5.03 -13.17 -8.71
N LEU D 207 4.01 -13.00 -9.53
CA LEU D 207 2.79 -13.77 -9.40
C LEU D 207 2.99 -15.24 -9.77
N ILE D 208 3.79 -15.47 -10.81
CA ILE D 208 4.08 -16.83 -11.23
C ILE D 208 4.71 -17.65 -10.10
N GLU D 209 5.64 -17.05 -9.37
CA GLU D 209 6.29 -17.79 -8.29
C GLU D 209 5.38 -17.96 -7.07
N LYS D 210 4.51 -17.00 -6.79
CA LYS D 210 3.51 -17.15 -5.73
C LYS D 210 2.56 -18.30 -6.05
N ILE D 211 2.12 -18.35 -7.31
CA ILE D 211 1.21 -19.40 -7.75
C ILE D 211 1.89 -20.76 -7.71
N GLU D 212 3.13 -20.85 -8.19
CA GLU D 212 3.88 -22.10 -8.09
C GLU D 212 4.00 -22.55 -6.64
N PHE D 213 4.29 -21.61 -5.75
CA PHE D 213 4.40 -21.94 -4.33
C PHE D 213 3.04 -22.43 -3.78
N LEU D 214 1.97 -21.77 -4.17
CA LEU D 214 0.61 -22.14 -3.74
C LEU D 214 0.18 -23.51 -4.24
N LEU D 215 0.63 -23.89 -5.43
CA LEU D 215 0.26 -25.18 -6.00
C LEU D 215 1.12 -26.35 -5.51
N ARG D 216 2.25 -26.05 -4.86
CA ARG D 216 3.19 -27.08 -4.40
C ARG D 216 2.51 -28.00 -3.39
N ASP D 217 2.72 -29.30 -3.54
CA ASP D 217 2.13 -30.30 -2.64
C ASP D 217 0.60 -30.19 -2.50
N GLU D 218 -0.05 -29.59 -3.50
CA GLU D 218 -1.51 -29.65 -3.62
C GLU D 218 -1.90 -30.48 -4.84
N LEU D 219 -3.17 -30.84 -4.92
CA LEU D 219 -3.66 -31.49 -6.13
C LEU D 219 -4.01 -30.37 -7.10
N ASN D 220 -5.14 -29.70 -6.84
CA ASN D 220 -5.58 -28.52 -7.61
C ASN D 220 -5.29 -28.59 -9.13
N PHE D 221 -5.67 -29.70 -9.76
CA PHE D 221 -5.45 -29.89 -11.20
C PHE D 221 -6.15 -28.83 -12.06
N TYR D 222 -7.30 -28.34 -11.59
CA TYR D 222 -7.97 -27.27 -12.32
C TYR D 222 -7.10 -26.03 -12.38
N GLU D 223 -6.61 -25.61 -11.22
CA GLU D 223 -5.77 -24.44 -11.15
C GLU D 223 -4.45 -24.67 -11.91
N LYS D 224 -3.91 -25.89 -11.85
CA LYS D 224 -2.71 -26.21 -12.61
C LYS D 224 -2.97 -26.12 -14.13
N THR D 225 -4.16 -26.52 -14.56
CA THR D 225 -4.50 -26.47 -15.98
C THR D 225 -4.67 -25.04 -16.49
N VAL D 226 -5.38 -24.21 -15.72
CA VAL D 226 -5.49 -22.81 -16.07
C VAL D 226 -4.12 -22.14 -16.04
N PHE D 227 -3.34 -22.45 -15.01
CA PHE D 227 -2.01 -21.86 -14.88
C PHE D 227 -1.11 -22.22 -16.06
N LEU D 228 -1.18 -23.47 -16.52
CA LEU D 228 -0.43 -23.89 -17.70
C LEU D 228 -0.79 -23.01 -18.91
N TYR D 229 -2.08 -22.73 -19.09
CA TYR D 229 -2.54 -21.88 -20.18
C TYR D 229 -2.01 -20.47 -20.06
N VAL D 230 -2.21 -19.89 -18.89
CA VAL D 230 -1.90 -18.48 -18.64
C VAL D 230 -0.39 -18.25 -18.62
N HIS D 231 0.34 -19.19 -18.03
CA HIS D 231 1.79 -19.08 -18.00
C HIS D 231 2.36 -19.22 -19.41
N GLY D 232 1.73 -20.03 -20.24
CA GLY D 232 2.17 -20.16 -21.62
C GLY D 232 1.82 -18.91 -22.41
N TYR D 233 0.64 -18.37 -22.10
CA TYR D 233 0.18 -17.12 -22.66
C TYR D 233 1.16 -15.98 -22.32
N TYR D 234 1.63 -15.99 -21.08
CA TYR D 234 2.71 -15.13 -20.64
C TYR D 234 3.95 -15.29 -21.52
N LYS D 235 4.32 -16.54 -21.78
CA LYS D 235 5.47 -16.82 -22.64
C LYS D 235 5.24 -16.28 -24.05
N LEU D 236 4.05 -16.51 -24.59
CA LEU D 236 3.70 -16.05 -25.93
C LEU D 236 3.82 -14.54 -26.08
N LYS D 237 3.48 -13.78 -25.04
CA LYS D 237 3.59 -12.33 -25.10
C LYS D 237 5.04 -11.88 -24.99
N GLN D 238 5.95 -12.85 -24.94
CA GLN D 238 7.38 -12.57 -24.91
C GLN D 238 8.10 -13.28 -26.06
N SER D 242 6.68 -20.47 -28.15
CA SER D 242 6.87 -21.60 -27.25
C SER D 242 5.72 -21.73 -26.26
N GLY D 243 5.04 -20.62 -26.02
CA GLY D 243 3.92 -20.60 -25.09
C GLY D 243 2.69 -21.20 -25.73
N LYS D 244 2.64 -21.20 -27.06
CA LYS D 244 1.51 -21.76 -27.78
C LYS D 244 1.34 -23.25 -27.47
N ASP D 245 2.45 -23.97 -27.29
CA ASP D 245 2.39 -25.40 -27.00
C ASP D 245 1.73 -25.66 -25.63
N ASP D 246 2.08 -24.86 -24.63
CA ASP D 246 1.45 -24.98 -23.31
C ASP D 246 -0.04 -24.66 -23.39
N MSE D 247 -0.38 -23.65 -24.19
CA MSE D 247 -1.76 -23.24 -24.26
C MSE D 247 -2.60 -24.35 -24.89
O MSE D 247 -3.70 -24.63 -24.43
CB MSE D 247 -1.88 -21.93 -25.06
CG MSE D 247 -1.37 -20.71 -24.29
SE MSE D 247 -1.17 -19.13 -25.46
CE MSE D 247 -2.96 -18.41 -25.21
N ARG D 248 -2.06 -24.99 -25.92
CA ARG D 248 -2.80 -26.06 -26.59
C ARG D 248 -2.85 -27.33 -25.72
N GLN D 249 -1.84 -27.51 -24.88
CA GLN D 249 -1.86 -28.59 -23.91
C GLN D 249 -3.01 -28.42 -22.94
N ALA D 250 -3.18 -27.21 -22.41
CA ALA D 250 -4.28 -26.92 -21.51
C ALA D 250 -5.62 -27.11 -22.21
N LEU D 251 -5.68 -26.72 -23.49
CA LEU D 251 -6.91 -26.89 -24.25
C LEU D 251 -7.23 -28.38 -24.35
N GLN D 252 -6.22 -29.19 -24.65
CA GLN D 252 -6.42 -30.64 -24.72
C GLN D 252 -6.88 -31.24 -23.39
N ILE D 253 -6.41 -30.71 -22.27
CA ILE D 253 -6.86 -31.20 -20.95
C ILE D 253 -8.36 -30.93 -20.77
N PHE D 254 -8.79 -29.70 -21.05
CA PHE D 254 -10.21 -29.37 -21.01
C PHE D 254 -10.99 -30.33 -21.88
N LYS D 255 -10.48 -30.59 -23.08
CA LYS D 255 -11.19 -31.43 -24.03
C LYS D 255 -11.26 -32.87 -23.55
N TYR D 256 -10.11 -33.38 -23.08
CA TYR D 256 -10.05 -34.78 -22.66
C TYR D 256 -10.97 -35.02 -21.47
N LEU D 257 -11.11 -34.03 -20.60
CA LEU D 257 -11.99 -34.14 -19.44
C LEU D 257 -13.45 -33.79 -19.75
N GLY D 258 -13.75 -33.44 -20.99
CA GLY D 258 -15.13 -33.14 -21.36
C GLY D 258 -15.64 -31.86 -20.72
N GLU D 259 -14.73 -30.91 -20.50
CA GLU D 259 -15.08 -29.60 -19.98
C GLU D 259 -15.36 -28.67 -21.15
N ASP D 260 -16.46 -28.92 -21.84
CA ASP D 260 -16.76 -28.23 -23.07
C ASP D 260 -16.88 -26.73 -22.84
N ALA D 261 -17.48 -26.34 -21.72
CA ALA D 261 -17.61 -24.91 -21.41
C ALA D 261 -16.26 -24.20 -21.34
N LEU D 262 -15.33 -24.76 -20.56
CA LEU D 262 -14.00 -24.18 -20.42
C LEU D 262 -13.19 -24.28 -21.70
N TYR D 263 -13.32 -25.41 -22.40
CA TYR D 263 -12.64 -25.62 -23.67
C TYR D 263 -13.00 -24.51 -24.67
N TYR D 264 -14.29 -24.32 -24.89
CA TYR D 264 -14.72 -23.35 -25.87
C TYR D 264 -14.36 -21.93 -25.44
N SER D 265 -14.37 -21.66 -24.14
CA SER D 265 -13.99 -20.32 -23.68
C SER D 265 -12.51 -20.03 -23.95
N TYR D 266 -11.65 -20.97 -23.56
CA TYR D 266 -10.21 -20.78 -23.71
C TYR D 266 -9.75 -20.86 -25.17
N LYS D 267 -10.43 -21.67 -25.97
CA LYS D 267 -10.08 -21.81 -27.38
C LYS D 267 -10.51 -20.54 -28.10
N GLU D 268 -11.55 -19.89 -27.59
CA GLU D 268 -11.98 -18.62 -28.15
C GLU D 268 -10.85 -17.61 -27.92
N HIS D 269 -10.37 -17.57 -26.69
CA HIS D 269 -9.28 -16.71 -26.30
C HIS D 269 -8.04 -16.99 -27.13
N TYR D 270 -7.79 -18.27 -27.43
CA TYR D 270 -6.58 -18.71 -28.11
C TYR D 270 -6.45 -18.27 -29.57
N ARG D 271 -7.52 -18.33 -30.34
CA ARG D 271 -7.37 -18.05 -31.77
C ARG D 271 -7.25 -16.55 -31.99
N LYS D 272 -7.85 -15.77 -31.11
CA LYS D 272 -7.36 -14.41 -30.88
C LYS D 272 -6.00 -14.62 -30.24
N GLU D 273 -4.98 -13.91 -30.71
CA GLU D 273 -3.63 -14.08 -30.16
C GLU D 273 -3.07 -15.48 -30.41
N DAL E 1 17.67 12.28 -7.59
CA DAL E 1 18.29 11.25 -8.47
CB DAL E 1 17.58 9.88 -8.49
C DAL E 1 19.80 11.13 -8.19
O DAL E 1 20.25 10.15 -7.59
N MLE E 2 20.56 12.11 -8.66
CN MLE E 2 20.13 12.98 -9.74
CA MLE E 2 21.94 12.27 -8.21
CB MLE E 2 22.94 12.01 -9.34
CG MLE E 2 24.02 10.94 -9.11
CD1 MLE E 2 25.36 11.39 -9.70
CD2 MLE E 2 24.18 10.46 -7.66
C MLE E 2 22.17 13.69 -7.71
O MLE E 2 22.70 14.64 -8.58
N MLE E 3 21.85 13.97 -6.46
CN MLE E 3 21.24 13.00 -5.58
CA MLE E 3 22.06 15.33 -5.93
CB MLE E 3 20.73 15.99 -5.52
CG MLE E 3 19.71 16.06 -6.65
CD1 MLE E 3 18.38 16.58 -6.12
CD2 MLE E 3 20.23 16.92 -7.82
C MLE E 3 22.93 15.34 -4.70
O MLE E 3 22.36 15.69 -3.48
N MVA E 4 24.22 15.05 -4.84
CN MVA E 4 24.89 15.09 -6.13
CA MVA E 4 25.06 14.90 -3.64
CB MVA E 4 25.81 13.56 -3.70
CG1 MVA E 4 26.61 13.28 -2.43
CG2 MVA E 4 24.87 12.38 -3.96
C MVA E 4 26.01 16.05 -3.44
O MVA E 4 27.14 16.14 -4.26
N BMT E 5 25.75 16.97 -2.50
CN BMT E 5 26.65 18.10 -2.41
CA BMT E 5 24.57 16.91 -1.63
C BMT E 5 23.80 18.23 -1.61
O BMT E 5 24.24 19.22 -1.03
CB BMT E 5 25.00 16.57 -0.18
OG1 BMT E 5 25.78 15.40 -0.17
CG2 BMT E 5 23.81 16.41 0.78
CD1 BMT E 5 24.28 16.44 2.23
CD2 BMT E 5 23.03 15.12 0.50
CE BMT E 5 21.95 14.94 1.54
CZ BMT E 5 21.32 13.64 1.80
CH BMT E 5 20.23 13.50 2.84
N ABA E 6 22.65 18.24 -2.27
CA ABA E 6 21.81 19.43 -2.27
C ABA E 6 20.35 19.06 -2.04
O ABA E 6 19.88 18.07 -2.59
CB ABA E 6 21.96 20.20 -3.58
CG ABA E 6 21.86 19.29 -4.80
N SAR E 7 19.65 19.82 -1.19
CA SAR E 7 18.21 19.55 -0.96
C SAR E 7 17.56 18.54 0.01
O SAR E 7 16.15 18.57 0.17
CN SAR E 7 20.27 20.93 -0.48
N MLE E 8 18.30 17.66 0.68
CN MLE E 8 19.75 17.58 0.62
CA MLE E 8 17.72 16.67 1.63
CB MLE E 8 17.00 17.29 2.84
CG MLE E 8 17.94 18.13 3.71
CD1 MLE E 8 17.23 18.63 4.97
CD2 MLE E 8 19.22 17.38 4.07
C MLE E 8 16.91 15.49 1.11
O MLE E 8 16.27 14.66 2.05
N VAL E 9 16.83 15.25 -0.20
CA VAL E 9 16.34 13.97 -0.73
C VAL E 9 17.35 13.42 -1.76
N MLE E 10 17.46 12.10 -1.92
CN MLE E 10 16.59 11.11 -1.29
CA MLE E 10 18.53 11.56 -2.79
CB MLE E 10 19.49 10.63 -2.06
CG MLE E 10 20.23 11.43 -1.00
CD1 MLE E 10 20.83 10.48 0.04
CD2 MLE E 10 21.28 12.33 -1.67
C MLE E 10 18.05 10.83 -4.00
O MLE E 10 18.85 9.87 -4.65
N ALA E 11 16.82 11.13 -4.40
CA ALA E 11 16.48 10.98 -5.79
C ALA E 11 17.02 12.25 -6.41
N DAL F 1 6.23 36.81 -9.08
CA DAL F 1 6.38 35.70 -10.00
CB DAL F 1 6.16 34.38 -9.28
C DAL F 1 7.76 35.72 -10.65
O DAL F 1 8.76 35.43 -10.00
N MLE F 2 7.81 36.09 -11.94
CN MLE F 2 6.60 36.29 -12.72
CA MLE F 2 9.09 36.26 -12.61
CB MLE F 2 8.93 36.12 -14.13
CG MLE F 2 9.39 34.76 -14.65
CD1 MLE F 2 8.44 33.64 -14.24
CD2 MLE F 2 9.56 34.78 -16.16
C MLE F 2 9.74 37.57 -12.27
O MLE F 2 8.98 38.76 -12.21
N MLE F 3 11.04 37.54 -12.03
CN MLE F 3 11.80 36.30 -12.03
CA MLE F 3 11.80 38.75 -11.77
CB MLE F 3 12.83 38.51 -10.67
CG MLE F 3 12.28 38.60 -9.26
CD1 MLE F 3 13.39 38.32 -8.26
CD2 MLE F 3 11.65 39.96 -9.01
C MLE F 3 12.60 39.19 -12.95
O MLE F 3 13.84 38.58 -13.20
N MVA F 4 12.10 40.15 -13.74
CN MVA F 4 10.88 40.87 -13.46
CA MVA F 4 12.88 40.60 -14.90
CB MVA F 4 12.34 40.02 -16.21
CG1 MVA F 4 13.40 40.10 -17.32
CG2 MVA F 4 11.82 38.59 -16.09
C MVA F 4 12.97 42.10 -15.04
O MVA F 4 12.24 42.75 -16.05
N BMT F 5 13.75 42.76 -14.18
CN BMT F 5 13.94 44.19 -14.32
CA BMT F 5 14.46 42.07 -13.11
C BMT F 5 13.91 42.53 -11.77
O BMT F 5 13.03 41.89 -11.22
CB BMT F 5 15.97 42.24 -13.26
OG1 BMT F 5 16.36 41.64 -14.49
CG2 BMT F 5 16.76 41.59 -12.12
CD1 BMT F 5 18.26 41.73 -12.36
CD2 BMT F 5 16.39 40.13 -11.96
CE BMT F 5 17.44 39.41 -11.13
CZ BMT F 5 17.38 37.95 -11.03
CH BMT F 5 18.58 37.20 -10.49
N ABA F 6 14.42 43.65 -11.25
CA ABA F 6 13.84 44.28 -10.07
C ABA F 6 13.30 45.67 -10.42
O ABA F 6 13.98 46.67 -10.18
CB ABA F 6 14.88 44.37 -8.95
CG ABA F 6 15.38 43.00 -8.52
N SAR F 7 12.07 45.74 -10.93
CA SAR F 7 11.19 44.58 -10.97
C SAR F 7 10.39 44.62 -9.69
O SAR F 7 10.72 45.53 -8.67
CN SAR F 7 11.59 46.94 -11.57
N MLE F 8 9.38 43.76 -9.58
CN MLE F 8 8.90 42.98 -10.71
CA MLE F 8 8.65 43.66 -8.33
CB MLE F 8 7.14 43.73 -8.58
CG MLE F 8 6.30 43.66 -7.30
CD1 MLE F 8 6.74 44.71 -6.29
CD2 MLE F 8 4.83 43.83 -7.61
C MLE F 8 9.08 42.43 -7.58
O MLE F 8 8.92 41.15 -8.12
N VAL F 9 9.65 42.64 -6.40
CA VAL F 9 10.02 41.51 -5.56
C VAL F 9 8.94 41.35 -4.50
N MLE F 10 8.31 40.17 -4.42
CN MLE F 10 7.23 39.99 -3.48
CA MLE F 10 8.63 39.06 -5.30
CB MLE F 10 9.01 37.84 -4.47
CG MLE F 10 9.30 36.61 -5.34
CD1 MLE F 10 10.56 36.79 -6.17
CD2 MLE F 10 9.40 35.35 -4.48
C MLE F 10 7.44 38.76 -6.17
O MLE F 10 6.35 37.99 -5.69
N ALA F 11 7.50 39.22 -7.42
CA ALA F 11 6.36 39.12 -8.34
C ALA F 11 6.55 38.06 -9.41
N DAL G 1 -1.71 -35.37 0.40
CA DAL G 1 -1.28 -34.52 -0.70
CB DAL G 1 -2.31 -33.43 -0.98
C DAL G 1 -1.04 -35.37 -1.95
O DAL G 1 -1.83 -35.32 -2.89
N MLE G 2 0.05 -36.13 -1.95
CN MLE G 2 1.13 -35.92 -0.99
CA MLE G 2 0.24 -37.15 -2.97
CB MLE G 2 1.69 -37.64 -2.93
CG MLE G 2 2.34 -38.01 -4.27
CD1 MLE G 2 2.28 -39.52 -4.50
CD2 MLE G 2 1.76 -37.23 -5.45
C MLE G 2 -0.71 -38.30 -2.66
O MLE G 2 -0.63 -38.94 -1.41
N MLE G 3 -1.60 -38.63 -3.59
CN MLE G 3 -1.75 -37.91 -4.84
CA MLE G 3 -2.51 -39.76 -3.39
CB MLE G 3 -3.94 -39.28 -3.54
CG MLE G 3 -4.83 -39.21 -2.30
CD1 MLE G 3 -6.28 -39.49 -2.70
CD2 MLE G 3 -4.40 -40.14 -1.16
C MLE G 3 -2.35 -40.80 -4.45
O MLE G 3 -3.30 -40.85 -5.50
N MVA G 4 -1.33 -41.67 -4.37
CN MVA G 4 -0.41 -41.71 -3.25
CA MVA G 4 -1.23 -42.73 -5.36
CB MVA G 4 -0.07 -42.55 -6.35
CG1 MVA G 4 -0.25 -43.44 -7.56
CG2 MVA G 4 0.13 -41.09 -6.77
C MVA G 4 -1.04 -44.08 -4.72
O MVA G 4 0.26 -44.58 -4.57
N BMT G 5 -2.12 -44.73 -4.32
CN BMT G 5 -2.03 -46.15 -3.95
CA BMT G 5 -3.44 -44.11 -4.32
C BMT G 5 -3.82 -43.97 -2.88
O BMT G 5 -3.51 -42.95 -2.27
CB BMT G 5 -4.40 -44.87 -5.22
OG1 BMT G 5 -3.95 -44.70 -6.56
CG2 BMT G 5 -5.87 -44.42 -5.14
CD1 BMT G 5 -6.70 -45.10 -6.23
CD2 BMT G 5 -6.02 -42.91 -5.24
CE BMT G 5 -7.44 -42.57 -5.62
CZ BMT G 5 -7.76 -41.25 -6.19
CH BMT G 5 -9.05 -41.04 -6.93
N ABA G 6 -4.47 -44.98 -2.30
CA ABA G 6 -4.60 -45.05 -0.85
C ABA G 6 -3.66 -46.13 -0.32
O ABA G 6 -3.99 -47.32 -0.33
CB ABA G 6 -6.05 -45.37 -0.45
CG ABA G 6 -7.05 -44.37 -1.04
N SAR G 7 -2.48 -45.73 0.15
CA SAR G 7 -2.10 -44.33 0.15
C SAR G 7 -2.48 -43.70 1.48
O SAR G 7 -3.35 -44.36 2.36
CN SAR G 7 -1.52 -46.67 0.73
N MLE G 8 -1.97 -42.50 1.73
CN MLE G 8 -1.14 -41.79 0.76
CA MLE G 8 -2.35 -41.79 2.94
CB MLE G 8 -1.16 -41.14 3.64
CG MLE G 8 -1.56 -40.19 4.78
CD1 MLE G 8 -2.53 -40.84 5.76
CD2 MLE G 8 -0.32 -39.68 5.52
C MLE G 8 -3.38 -40.74 2.60
O MLE G 8 -3.02 -39.58 1.90
N VAL G 9 -4.61 -41.00 3.00
CA VAL G 9 -5.70 -40.04 2.88
C VAL G 9 -5.69 -39.13 4.12
N MLE G 10 -5.51 -37.81 3.97
CN MLE G 10 -5.60 -36.92 5.12
CA MLE G 10 -5.22 -37.17 2.70
CB MLE G 10 -6.39 -36.26 2.33
CG MLE G 10 -6.18 -35.50 1.03
CD1 MLE G 10 -6.23 -36.40 -0.18
CD2 MLE G 10 -7.20 -34.37 0.92
C MLE G 10 -3.95 -36.35 2.80
O MLE G 10 -3.98 -35.01 3.25
N ALA G 11 -2.84 -36.95 2.44
CA ALA G 11 -1.52 -36.34 2.62
C ALA G 11 -1.17 -35.26 1.61
N DAL H 1 -18.98 -21.81 -9.75
CA DAL H 1 -18.79 -22.79 -10.83
CB DAL H 1 -18.24 -24.10 -10.25
C DAL H 1 -17.90 -22.31 -11.99
O DAL H 1 -16.68 -22.21 -11.85
N MLE H 2 -18.54 -22.04 -13.13
CN MLE H 2 -19.94 -22.41 -13.28
CA MLE H 2 -17.83 -21.52 -14.31
CB MLE H 2 -18.87 -21.32 -15.42
CG MLE H 2 -18.40 -21.60 -16.84
CD1 MLE H 2 -18.23 -20.29 -17.63
CD2 MLE H 2 -17.12 -22.43 -16.90
C MLE H 2 -17.17 -20.20 -14.06
O MLE H 2 -17.97 -19.06 -13.80
N MLE H 3 -15.84 -20.15 -14.09
CN MLE H 3 -14.99 -21.32 -14.25
CA MLE H 3 -15.15 -18.88 -13.88
CB MLE H 3 -14.25 -19.06 -12.67
CG MLE H 3 -14.37 -17.99 -11.59
CD1 MLE H 3 -13.00 -17.66 -11.01
CD2 MLE H 3 -15.06 -16.73 -12.11
C MLE H 3 -14.27 -18.49 -15.05
O MLE H 3 -12.90 -18.79 -14.99
N MVA H 4 -14.82 -17.87 -16.10
CN MVA H 4 -16.25 -17.58 -16.20
CA MVA H 4 -13.95 -17.45 -17.20
CB MVA H 4 -14.07 -18.36 -18.42
CG1 MVA H 4 -12.83 -18.25 -19.30
CG2 MVA H 4 -14.34 -19.81 -18.06
C MVA H 4 -14.06 -16.02 -17.68
O MVA H 4 -14.71 -15.75 -18.89
N BMT H 5 -13.55 -15.06 -16.91
CN BMT H 5 -13.53 -13.68 -17.33
CA BMT H 5 -13.06 -15.36 -15.57
C BMT H 5 -14.05 -14.73 -14.63
O BMT H 5 -15.23 -15.02 -14.75
CB BMT H 5 -11.62 -15.00 -15.28
OG1 BMT H 5 -10.84 -15.11 -16.44
CG2 BMT H 5 -11.14 -16.02 -14.25
CD1 BMT H 5 -10.83 -15.38 -12.91
CD2 BMT H 5 -9.93 -16.82 -14.69
CE BMT H 5 -9.85 -17.99 -13.73
CZ BMT H 5 -8.66 -18.23 -12.91
CH BMT H 5 -8.63 -19.42 -12.00
N ABA H 6 -13.61 -13.85 -13.74
CA ABA H 6 -14.52 -13.22 -12.77
C ABA H 6 -15.43 -12.16 -13.41
O ABA H 6 -14.95 -11.11 -13.82
CB ABA H 6 -13.73 -12.58 -11.64
CG ABA H 6 -12.89 -13.57 -10.87
N SAR H 7 -16.74 -12.43 -13.47
CA SAR H 7 -17.28 -13.71 -13.05
C SAR H 7 -17.78 -13.72 -11.63
O SAR H 7 -17.46 -12.66 -10.77
CN SAR H 7 -17.67 -11.42 -13.91
N MLE H 8 -18.51 -14.76 -11.24
CN MLE H 8 -18.84 -15.84 -12.16
CA MLE H 8 -19.02 -14.84 -9.89
CB MLE H 8 -20.48 -15.27 -9.88
CG MLE H 8 -21.10 -15.34 -8.48
CD1 MLE H 8 -20.83 -14.08 -7.67
CD2 MLE H 8 -22.60 -15.58 -8.57
C MLE H 8 -18.18 -15.79 -9.08
O MLE H 8 -18.21 -17.17 -9.29
N VAL H 9 -17.42 -15.22 -8.16
CA VAL H 9 -16.62 -16.00 -7.23
C VAL H 9 -17.49 -16.33 -6.02
N MLE H 10 -17.73 -17.61 -5.75
CN MLE H 10 -18.56 -17.97 -4.61
CA MLE H 10 -17.22 -18.70 -6.57
CB MLE H 10 -16.19 -19.51 -5.79
CG MLE H 10 -15.52 -20.61 -6.61
CD1 MLE H 10 -14.47 -20.08 -7.59
CD2 MLE H 10 -14.87 -21.64 -5.68
C MLE H 10 -18.35 -19.59 -7.00
O MLE H 10 -18.74 -20.70 -6.24
N ALA H 11 -18.96 -19.26 -8.14
CA ALA H 11 -20.13 -19.99 -8.61
C ALA H 11 -19.85 -20.81 -9.88
S SO4 I . 32.59 17.04 -23.14
O1 SO4 I . 32.40 18.48 -23.39
O2 SO4 I . 32.34 16.30 -24.37
O3 SO4 I . 33.96 16.85 -22.68
O4 SO4 I . 31.63 16.60 -22.12
S SO4 J . 10.48 -1.96 -8.35
O1 SO4 J . 9.10 -2.44 -8.31
O2 SO4 J . 10.52 -0.51 -8.56
O3 SO4 J . 11.17 -2.62 -9.45
O4 SO4 J . 11.14 -2.30 -7.08
S SO4 K . -2.84 29.40 21.12
O1 SO4 K . -3.23 28.34 20.20
O2 SO4 K . -2.93 30.69 20.45
O3 SO4 K . -1.47 29.16 21.58
O4 SO4 K . -3.75 29.38 22.28
S SO4 L . 13.24 10.11 22.61
O1 SO4 L . 12.58 11.08 21.74
O2 SO4 L . 12.26 9.11 23.05
O3 SO4 L . 13.80 10.80 23.79
O4 SO4 L . 14.33 9.46 21.86
S SO4 M . -9.83 11.01 18.30
O1 SO4 M . -9.84 12.46 18.42
O2 SO4 M . -9.91 10.61 16.89
O3 SO4 M . -8.59 10.47 18.87
O4 SO4 M . -10.98 10.46 19.03
S SO4 N . 6.77 23.01 27.73
O1 SO4 N . 6.57 21.71 27.08
O2 SO4 N . 6.06 24.05 26.99
O3 SO4 N . 8.20 23.30 27.76
O4 SO4 N . 6.25 22.96 29.10
S SO4 O . -17.72 -42.02 -22.96
O1 SO4 O . -18.31 -40.95 -22.17
O2 SO4 O . -18.66 -42.48 -23.99
O3 SO4 O . -17.38 -43.13 -22.08
O4 SO4 O . -16.51 -41.53 -23.61
S SO4 P . -5.92 -40.08 25.87
O1 SO4 P . -6.68 -39.28 24.90
O2 SO4 P . -6.81 -41.04 26.52
O3 SO4 P . -5.33 -39.16 26.85
O4 SO4 P . -4.84 -40.81 25.19
S SO4 Q . -1.25 -39.01 22.65
O1 SO4 Q . -2.28 -38.24 23.33
O2 SO4 Q . -1.00 -38.43 21.34
O3 SO4 Q . -0.01 -38.95 23.42
O4 SO4 Q . -1.68 -40.40 22.52
S SO4 R . -29.80 -41.96 23.91
O1 SO4 R . -30.12 -42.95 22.88
O2 SO4 R . -30.12 -40.62 23.42
O3 SO4 R . -28.37 -42.06 24.22
O4 SO4 R . -30.58 -42.18 25.11
S SO4 S . -31.83 -34.48 33.80
O1 SO4 S . -32.27 -33.08 33.73
O2 SO4 S . -32.95 -35.38 34.03
O3 SO4 S . -30.87 -34.61 34.91
O4 SO4 S . -31.18 -34.83 32.53
S SO4 T . -26.17 -26.13 34.47
O1 SO4 T . -26.82 -24.90 34.92
O2 SO4 T . -26.92 -26.73 33.36
O3 SO4 T . -24.81 -25.81 34.03
O4 SO4 T . -26.12 -27.07 35.59
S SO4 U . 7.16 -6.52 -6.47
O1 SO4 U . 5.91 -5.83 -6.18
O2 SO4 U . 7.92 -5.76 -7.46
O3 SO4 U . 7.95 -6.62 -5.24
O4 SO4 U . 6.88 -7.85 -6.99
#